data_4UM7
#
_entry.id   4UM7
#
_cell.length_a   86.264
_cell.length_b   43.562
_cell.length_c   87.552
_cell.angle_alpha   90.00
_cell.angle_beta   91.18
_cell.angle_gamma   90.00
#
_symmetry.space_group_name_H-M   'P 1 21 1'
#
loop_
_entity.id
_entity.type
_entity.pdbx_description
1 polymer '3-DEOXY-D-MANNO-OCTULOSONATE 8-PHOSPHATE PHOSPHATASE KDSC'
2 non-polymer 'MAGNESIUM ION'
3 non-polymer 1,2-ETHANEDIOL
4 water water
#
_entity_poly.entity_id   1
_entity_poly.type   'polypeptide(L)'
_entity_poly.pdbx_seq_one_letter_code
;MGSSHHHHHHSSENLYFQGHMNEIYQKAKHIKLFAMDVDGILSDGQIIYNSEGTETKAFYVQDGLGLQALKQSGIILAII
TGRSSAMVDRRAKELGISHIIQGQDDKLTALVGLTKKLGIELSHCAYIGDDLPDLKAVREAGFGISVPNGCEQTRAVSDY
ITTKTGGNGAVREVCELILKAQNNFDAFIATFQ
;
_entity_poly.pdbx_strand_id   A,B,C,D
#
loop_
_chem_comp.id
_chem_comp.type
_chem_comp.name
_chem_comp.formula
EDO non-polymer 1,2-ETHANEDIOL 'C2 H6 O2'
MG non-polymer 'MAGNESIUM ION' 'Mg 2'
#
# COMPACT_ATOMS: atom_id res chain seq x y z
N GLY A 19 24.13 -20.70 8.22
CA GLY A 19 25.40 -21.19 8.81
C GLY A 19 25.89 -20.35 9.99
N HIS A 20 25.23 -19.22 10.23
CA HIS A 20 25.61 -18.29 11.28
C HIS A 20 24.64 -18.26 12.45
N MET A 21 23.71 -19.22 12.49
CA MET A 21 22.61 -19.22 13.46
C MET A 21 23.06 -19.09 14.92
N ASN A 22 24.00 -19.93 15.36
CA ASN A 22 24.43 -19.89 16.75
C ASN A 22 25.33 -18.71 17.10
N GLU A 23 26.01 -18.16 16.10
CA GLU A 23 26.71 -16.88 16.23
C GLU A 23 25.70 -15.78 16.54
N ILE A 24 24.60 -15.78 15.78
CA ILE A 24 23.51 -14.82 15.96
C ILE A 24 22.83 -15.03 17.32
N TYR A 25 22.58 -16.29 17.67
CA TYR A 25 21.97 -16.65 18.95
C TYR A 25 22.79 -16.19 20.15
N GLN A 26 24.11 -16.34 20.05
CA GLN A 26 25.00 -15.93 21.14
C GLN A 26 24.98 -14.42 21.37
N LYS A 27 24.87 -13.65 20.30
CA LYS A 27 24.76 -12.19 20.40
C LYS A 27 23.39 -11.77 20.96
N ALA A 28 22.33 -12.43 20.52
CA ALA A 28 20.97 -12.12 20.96
C ALA A 28 20.66 -12.59 22.38
N LYS A 29 21.34 -13.65 22.83
CA LYS A 29 21.07 -14.27 24.14
C LYS A 29 21.31 -13.32 25.32
N HIS A 30 22.21 -12.36 25.16
CA HIS A 30 22.62 -11.47 26.24
C HIS A 30 21.99 -10.07 26.17
N ILE A 31 20.99 -9.91 25.29
CA ILE A 31 20.37 -8.60 25.07
C ILE A 31 19.41 -8.21 26.20
N LYS A 32 19.66 -7.04 26.79
CA LYS A 32 18.79 -6.49 27.84
C LYS A 32 18.05 -5.23 27.37
N LEU A 33 18.56 -4.60 26.31
CA LEU A 33 17.93 -3.40 25.74
C LEU A 33 17.79 -3.56 24.23
N PHE A 34 16.59 -3.28 23.73
CA PHE A 34 16.30 -3.35 22.29
C PHE A 34 15.91 -1.96 21.79
N ALA A 35 16.77 -1.39 20.95
CA ALA A 35 16.57 -0.05 20.42
C ALA A 35 16.29 -0.12 18.92
N MET A 36 15.44 0.78 18.45
CA MET A 36 14.98 0.70 17.06
C MET A 36 14.85 2.06 16.39
N ASP A 37 15.25 2.09 15.12
CA ASP A 37 14.91 3.17 14.23
C ASP A 37 13.42 3.07 13.90
N VAL A 38 12.83 4.15 13.36
CA VAL A 38 11.41 4.15 13.03
C VAL A 38 11.14 3.93 11.53
N ASP A 39 11.49 4.92 10.72
CA ASP A 39 11.14 4.88 9.30
C ASP A 39 11.94 3.82 8.56
N GLY A 40 11.24 2.86 7.98
CA GLY A 40 11.89 1.73 7.30
C GLY A 40 12.00 0.50 8.19
N ILE A 41 11.77 0.68 9.49
CA ILE A 41 11.84 -0.42 10.46
C ILE A 41 10.46 -0.70 11.02
N LEU A 42 9.90 0.28 11.74
CA LEU A 42 8.54 0.16 12.25
C LEU A 42 7.51 0.49 11.18
N SER A 43 7.96 1.20 10.14
CA SER A 43 7.15 1.51 8.97
C SER A 43 7.88 1.01 7.73
N ASP A 44 7.19 1.01 6.59
CA ASP A 44 7.80 0.63 5.32
C ASP A 44 8.58 1.77 4.66
N GLY A 45 8.73 2.89 5.38
CA GLY A 45 9.55 4.01 4.93
C GLY A 45 8.79 5.15 4.25
N GLN A 46 7.48 5.00 4.12
CA GLN A 46 6.66 6.05 3.51
C GLN A 46 6.55 7.27 4.41
N ILE A 47 6.79 8.44 3.83
CA ILE A 47 6.59 9.72 4.50
C ILE A 47 5.41 10.38 3.83
N ILE A 48 4.34 10.58 4.60
CA ILE A 48 3.04 10.91 4.03
C ILE A 48 2.60 12.30 4.47
N TYR A 49 2.34 13.17 3.49
CA TYR A 49 1.92 14.55 3.76
C TYR A 49 0.59 14.84 3.07
N ASN A 50 -0.21 15.72 3.66
CA ASN A 50 -1.43 16.17 3.01
C ASN A 50 -1.54 17.69 2.84
N SER A 51 -2.59 18.14 2.16
CA SER A 51 -2.74 19.55 1.79
C SER A 51 -3.08 20.49 2.96
N GLU A 52 -3.39 19.92 4.12
CA GLU A 52 -3.68 20.70 5.32
CA GLU A 52 -3.68 20.70 5.32
C GLU A 52 -2.45 20.82 6.22
N GLY A 53 -1.33 20.26 5.75
CA GLY A 53 -0.06 20.29 6.50
C GLY A 53 0.14 19.12 7.45
N THR A 54 -0.80 18.18 7.41
CA THR A 54 -0.79 17.03 8.31
C THR A 54 0.10 15.91 7.77
N GLU A 55 0.89 15.32 8.67
CA GLU A 55 1.76 14.20 8.33
C GLU A 55 1.19 12.89 8.87
N THR A 56 1.38 11.81 8.12
CA THR A 56 0.86 10.48 8.49
C THR A 56 1.98 9.43 8.53
N LYS A 57 1.86 8.46 9.43
CA LYS A 57 2.77 7.33 9.47
C LYS A 57 2.02 6.05 9.82
N ALA A 58 2.48 4.93 9.24
CA ALA A 58 1.81 3.63 9.41
C ALA A 58 2.70 2.61 10.11
N PHE A 59 2.11 1.88 11.05
CA PHE A 59 2.80 0.82 11.80
C PHE A 59 2.10 -0.50 11.55
N TYR A 60 2.69 -1.60 12.01
CA TYR A 60 2.15 -2.93 11.77
C TYR A 60 1.75 -3.62 13.08
N VAL A 61 0.50 -4.09 13.13
CA VAL A 61 -0.08 -4.67 14.34
C VAL A 61 0.77 -5.80 14.96
N GLN A 62 1.28 -6.70 14.12
CA GLN A 62 2.05 -7.84 14.64
C GLN A 62 3.36 -7.41 15.31
N ASP A 63 3.93 -6.29 14.84
CA ASP A 63 5.13 -5.74 15.47
C ASP A 63 4.86 -5.33 16.91
N GLY A 64 3.65 -4.81 17.14
CA GLY A 64 3.22 -4.42 18.47
C GLY A 64 3.31 -5.56 19.46
N LEU A 65 2.73 -6.71 19.10
CA LEU A 65 2.74 -7.88 19.99
C LEU A 65 4.15 -8.42 20.22
N GLY A 66 4.99 -8.38 19.17
CA GLY A 66 6.38 -8.78 19.30
C GLY A 66 7.12 -7.95 20.32
N LEU A 67 6.89 -6.63 20.27
CA LEU A 67 7.51 -5.70 21.21
C LEU A 67 7.00 -5.91 22.64
N GLN A 68 5.71 -6.21 22.76
CA GLN A 68 5.09 -6.54 24.05
CA GLN A 68 5.09 -6.54 24.05
C GLN A 68 5.76 -7.78 24.64
N ALA A 69 6.01 -8.79 23.80
CA ALA A 69 6.66 -10.02 24.23
C ALA A 69 8.05 -9.75 24.81
N LEU A 70 8.85 -8.95 24.11
CA LEU A 70 10.19 -8.59 24.60
C LEU A 70 10.13 -7.93 25.96
N LYS A 71 9.24 -6.96 26.09
CA LYS A 71 9.04 -6.22 27.33
C LYS A 71 8.64 -7.14 28.48
N GLN A 72 7.72 -8.07 28.19
CA GLN A 72 7.28 -9.08 29.16
C GLN A 72 8.41 -9.97 29.65
N SER A 73 9.41 -10.18 28.79
CA SER A 73 10.58 -10.98 29.13
C SER A 73 11.61 -10.18 29.93
N GLY A 74 11.37 -8.88 30.07
CA GLY A 74 12.23 -8.00 30.87
C GLY A 74 13.20 -7.16 30.07
N ILE A 75 13.03 -7.13 28.76
CA ILE A 75 13.90 -6.33 27.88
C ILE A 75 13.38 -4.90 27.77
N ILE A 76 14.30 -3.95 27.90
CA ILE A 76 14.01 -2.53 27.82
C ILE A 76 13.94 -2.08 26.35
N LEU A 77 12.90 -1.34 26.02
CA LEU A 77 12.68 -0.88 24.65
C LEU A 77 13.02 0.60 24.48
N ALA A 78 13.56 0.94 23.31
CA ALA A 78 13.89 2.33 22.99
C ALA A 78 13.71 2.62 21.51
N ILE A 79 13.35 3.86 21.22
CA ILE A 79 13.26 4.36 19.85
C ILE A 79 14.31 5.44 19.66
N ILE A 80 15.04 5.37 18.55
CA ILE A 80 15.98 6.43 18.19
C ILE A 80 15.77 6.81 16.73
N THR A 81 15.22 8.00 16.49
CA THR A 81 14.91 8.46 15.15
C THR A 81 15.40 9.87 14.86
N GLY A 82 15.79 10.10 13.61
CA GLY A 82 16.24 11.41 13.16
C GLY A 82 15.12 12.40 12.92
N ARG A 83 13.92 11.88 12.68
CA ARG A 83 12.74 12.71 12.50
C ARG A 83 12.02 12.90 13.83
N SER A 84 10.95 13.69 13.83
CA SER A 84 10.17 13.94 15.04
C SER A 84 8.69 14.12 14.74
N SER A 85 7.86 13.27 15.34
CA SER A 85 6.41 13.35 15.17
C SER A 85 5.61 12.90 16.37
N ALA A 86 4.37 13.38 16.44
CA ALA A 86 3.39 12.93 17.42
C ALA A 86 3.05 11.45 17.21
N MET A 87 3.07 11.00 15.95
CA MET A 87 2.74 9.61 15.61
C MET A 87 3.66 8.61 16.31
N VAL A 88 4.96 8.94 16.34
CA VAL A 88 5.96 8.13 17.01
C VAL A 88 5.72 8.11 18.52
N ASP A 89 5.45 9.29 19.09
CA ASP A 89 5.10 9.42 20.50
C ASP A 89 3.90 8.56 20.87
N ARG A 90 2.85 8.64 20.05
CA ARG A 90 1.62 7.88 20.27
C ARG A 90 1.83 6.37 20.21
N ARG A 91 2.55 5.93 19.18
CA ARG A 91 2.83 4.51 19.01
C ARG A 91 3.70 3.98 20.15
N ALA A 92 4.71 4.77 20.54
CA ALA A 92 5.59 4.39 21.64
C ALA A 92 4.84 4.26 22.96
N LYS A 93 4.00 5.25 23.26
CA LYS A 93 3.24 5.28 24.52
C LYS A 93 2.28 4.10 24.67
N GLU A 94 1.59 3.72 23.59
CA GLU A 94 0.64 2.60 23.67
C GLU A 94 1.35 1.25 23.79
N LEU A 95 2.60 1.18 23.35
CA LEU A 95 3.40 -0.05 23.40
C LEU A 95 4.29 -0.11 24.64
N GLY A 96 4.28 0.96 25.43
CA GLY A 96 5.09 1.03 26.63
C GLY A 96 6.57 1.27 26.35
N ILE A 97 6.85 1.96 25.25
CA ILE A 97 8.23 2.37 24.96
C ILE A 97 8.44 3.73 25.59
N SER A 98 9.28 3.78 26.63
CA SER A 98 9.44 5.00 27.42
C SER A 98 10.71 5.78 27.11
N HIS A 99 11.58 5.20 26.28
CA HIS A 99 12.77 5.90 25.83
C HIS A 99 12.57 6.25 24.36
N ILE A 100 12.09 7.48 24.14
CA ILE A 100 11.70 7.94 22.81
C ILE A 100 12.61 9.10 22.43
N ILE A 101 13.64 8.79 21.65
CA ILE A 101 14.61 9.79 21.23
C ILE A 101 14.34 10.20 19.79
N GLN A 102 13.82 11.41 19.62
CA GLN A 102 13.48 11.93 18.30
C GLN A 102 14.40 13.09 17.93
N GLY A 103 14.44 13.41 16.63
CA GLY A 103 15.31 14.47 16.11
C GLY A 103 16.79 14.19 16.30
N GLN A 104 17.16 12.91 16.24
CA GLN A 104 18.52 12.48 16.52
C GLN A 104 19.03 11.54 15.42
N ASP A 105 19.87 12.07 14.53
CA ASP A 105 20.47 11.32 13.41
CA ASP A 105 20.41 11.24 13.45
C ASP A 105 21.66 10.47 13.88
N ASP A 106 22.34 10.94 14.93
CA ASP A 106 23.53 10.27 15.45
C ASP A 106 23.08 9.15 16.39
N LYS A 107 22.75 8.01 15.80
CA LYS A 107 22.14 6.89 16.52
C LYS A 107 23.07 6.29 17.57
N LEU A 108 24.37 6.19 17.25
CA LEU A 108 25.33 5.57 18.17
C LEU A 108 25.54 6.38 19.45
N THR A 109 25.66 7.70 19.33
CA THR A 109 25.81 8.57 20.51
C THR A 109 24.58 8.48 21.41
N ALA A 110 23.40 8.44 20.79
CA ALA A 110 22.15 8.26 21.52
C ALA A 110 22.11 6.91 22.24
N LEU A 111 22.53 5.85 21.54
CA LEU A 111 22.54 4.50 22.13
C LEU A 111 23.49 4.43 23.32
N VAL A 112 24.70 4.95 23.13
CA VAL A 112 25.70 5.03 24.21
C VAL A 112 25.15 5.84 25.39
N GLY A 113 24.47 6.94 25.08
CA GLY A 113 23.79 7.75 26.09
C GLY A 113 22.85 6.92 26.95
N LEU A 114 22.06 6.07 26.30
CA LEU A 114 21.13 5.18 27.00
C LEU A 114 21.85 4.17 27.89
N THR A 115 22.97 3.63 27.42
CA THR A 115 23.75 2.65 28.20
C THR A 115 24.14 3.25 29.55
N LYS A 116 24.53 4.52 29.54
CA LYS A 116 24.94 5.22 30.75
C LYS A 116 23.75 5.61 31.62
N LYS A 117 22.65 5.98 30.97
CA LYS A 117 21.42 6.35 31.66
C LYS A 117 20.80 5.17 32.41
N LEU A 118 20.91 3.98 31.81
CA LEU A 118 20.20 2.80 32.30
C LEU A 118 21.08 1.72 32.93
N GLY A 119 22.39 1.89 32.85
CA GLY A 119 23.33 0.94 33.43
C GLY A 119 23.41 -0.39 32.68
N ILE A 120 23.20 -0.34 31.36
CA ILE A 120 23.25 -1.52 30.51
C ILE A 120 24.43 -1.43 29.55
N GLU A 121 25.31 -2.44 29.57
CA GLU A 121 26.46 -2.48 28.67
C GLU A 121 26.03 -2.45 27.22
N LEU A 122 26.85 -1.82 26.37
CA LEU A 122 26.58 -1.73 24.94
C LEU A 122 26.53 -3.13 24.29
N SER A 123 27.35 -4.04 24.80
CA SER A 123 27.35 -5.43 24.34
C SER A 123 26.03 -6.14 24.62
N HIS A 124 25.22 -5.57 25.53
CA HIS A 124 23.92 -6.13 25.86
C HIS A 124 22.78 -5.30 25.26
N CYS A 125 23.11 -4.46 24.28
CA CYS A 125 22.13 -3.66 23.55
C CYS A 125 21.96 -4.19 22.12
N ALA A 126 20.71 -4.26 21.68
CA ALA A 126 20.41 -4.54 20.28
C ALA A 126 19.96 -3.25 19.59
N TYR A 127 20.35 -3.09 18.33
CA TYR A 127 19.86 -1.99 17.52
C TYR A 127 19.49 -2.44 16.11
N ILE A 128 18.29 -2.08 15.69
CA ILE A 128 17.82 -2.37 14.33
C ILE A 128 17.64 -1.06 13.56
N GLY A 129 18.27 -0.99 12.37
CA GLY A 129 18.19 0.20 11.52
C GLY A 129 18.20 -0.17 10.05
N ASP A 130 17.91 0.81 9.18
CA ASP A 130 17.79 0.53 7.74
C ASP A 130 18.68 1.39 6.84
N ASP A 131 19.10 2.56 7.31
CA ASP A 131 19.88 3.44 6.44
C ASP A 131 21.21 3.86 7.06
N LEU A 132 21.93 4.74 6.35
CA LEU A 132 23.28 5.13 6.74
C LEU A 132 23.42 5.74 8.15
N PRO A 133 22.46 6.59 8.57
CA PRO A 133 22.57 7.13 9.94
C PRO A 133 22.57 6.05 11.01
N ASP A 134 22.05 4.86 10.68
CA ASP A 134 21.98 3.72 11.61
C ASP A 134 23.23 2.84 11.61
N LEU A 135 24.12 3.03 10.63
CA LEU A 135 25.23 2.11 10.39
C LEU A 135 26.10 1.87 11.63
N LYS A 136 26.58 2.95 12.24
CA LYS A 136 27.47 2.84 13.39
C LYS A 136 26.82 2.15 14.59
N ALA A 137 25.54 2.46 14.82
CA ALA A 137 24.79 1.84 15.92
C ALA A 137 24.59 0.35 15.67
N VAL A 138 24.24 -0.02 14.44
CA VAL A 138 24.11 -1.43 14.05
C VAL A 138 25.45 -2.17 14.19
N ARG A 139 26.53 -1.50 13.80
CA ARG A 139 27.87 -2.09 13.82
C ARG A 139 28.38 -2.31 15.24
N GLU A 140 28.16 -1.34 16.11
CA GLU A 140 28.80 -1.32 17.43
C GLU A 140 27.98 -1.94 18.55
N ALA A 141 26.66 -2.07 18.36
CA ALA A 141 25.80 -2.70 19.36
C ALA A 141 26.14 -4.17 19.52
N GLY A 142 25.82 -4.72 20.68
CA GLY A 142 25.99 -6.17 20.92
C GLY A 142 25.34 -7.02 19.83
N PHE A 143 24.14 -6.62 19.41
CA PHE A 143 23.41 -7.31 18.36
C PHE A 143 22.81 -6.30 17.39
N GLY A 144 23.39 -6.23 16.20
CA GLY A 144 22.97 -5.28 15.17
C GLY A 144 22.12 -5.96 14.12
N ILE A 145 21.01 -5.32 13.77
CA ILE A 145 20.03 -5.90 12.87
C ILE A 145 19.66 -4.92 11.75
N SER A 146 19.47 -5.43 10.55
CA SER A 146 18.89 -4.63 9.48
C SER A 146 17.80 -5.41 8.75
N VAL A 147 17.34 -4.87 7.64
CA VAL A 147 16.17 -5.37 6.92
C VAL A 147 16.48 -5.46 5.42
N PRO A 148 15.69 -6.23 4.65
CA PRO A 148 15.99 -6.42 3.21
C PRO A 148 16.11 -5.14 2.41
N ASN A 149 15.29 -4.15 2.72
CA ASN A 149 15.33 -2.86 2.01
C ASN A 149 16.22 -1.82 2.69
N GLY A 150 17.00 -2.27 3.66
CA GLY A 150 18.04 -1.42 4.25
C GLY A 150 19.12 -1.16 3.22
N CYS A 151 19.87 -0.07 3.41
CA CYS A 151 21.00 0.20 2.52
C CYS A 151 22.06 -0.90 2.67
N GLU A 152 22.79 -1.15 1.59
N GLU A 152 22.78 -1.15 1.59
CA GLU A 152 23.78 -2.22 1.54
CA GLU A 152 23.78 -2.24 1.56
C GLU A 152 24.85 -2.12 2.63
C GLU A 152 24.82 -2.12 2.67
N GLN A 153 25.25 -0.89 2.95
CA GLN A 153 26.31 -0.63 3.94
C GLN A 153 25.90 -0.97 5.38
N THR A 154 24.65 -0.66 5.73
CA THR A 154 24.12 -1.00 7.05
C THR A 154 23.84 -2.50 7.13
N ARG A 155 23.37 -3.07 6.03
CA ARG A 155 23.20 -4.53 5.94
C ARG A 155 24.52 -5.27 6.11
N ALA A 156 25.60 -4.70 5.57
CA ALA A 156 26.92 -5.30 5.63
C ALA A 156 27.49 -5.40 7.05
N VAL A 157 27.12 -4.46 7.91
CA VAL A 157 27.62 -4.43 9.30
C VAL A 157 26.68 -5.13 10.29
N SER A 158 25.56 -5.64 9.79
CA SER A 158 24.58 -6.29 10.64
CA SER A 158 24.55 -6.30 10.62
C SER A 158 24.94 -7.73 10.98
N ASP A 159 24.50 -8.18 12.15
CA ASP A 159 24.68 -9.56 12.58
C ASP A 159 23.55 -10.41 12.04
N TYR A 160 22.40 -9.76 11.85
CA TYR A 160 21.21 -10.40 11.33
C TYR A 160 20.43 -9.46 10.41
N ILE A 161 19.95 -10.02 9.30
CA ILE A 161 19.04 -9.29 8.42
C ILE A 161 17.73 -10.07 8.40
N THR A 162 16.63 -9.38 8.70
CA THR A 162 15.31 -10.00 8.72
C THR A 162 14.89 -10.48 7.33
N THR A 163 14.00 -11.48 7.31
CA THR A 163 13.39 -11.94 6.06
C THR A 163 12.20 -11.04 5.72
N LYS A 164 11.39 -10.72 6.73
CA LYS A 164 10.26 -9.82 6.55
C LYS A 164 10.74 -8.37 6.45
N THR A 165 9.98 -7.55 5.74
CA THR A 165 10.36 -6.16 5.49
C THR A 165 9.87 -5.20 6.57
N GLY A 166 10.46 -4.00 6.58
CA GLY A 166 10.06 -2.95 7.52
C GLY A 166 8.59 -2.62 7.36
N GLY A 167 7.89 -2.50 8.48
CA GLY A 167 6.45 -2.23 8.48
C GLY A 167 5.60 -3.41 8.05
N ASN A 168 6.23 -4.57 7.85
CA ASN A 168 5.52 -5.77 7.42
C ASN A 168 5.94 -7.00 8.24
N GLY A 169 6.51 -6.77 9.41
CA GLY A 169 6.84 -7.86 10.32
C GLY A 169 8.31 -8.06 10.65
N ALA A 170 9.18 -7.19 10.13
CA ALA A 170 10.61 -7.26 10.46
C ALA A 170 10.84 -7.21 11.97
N VAL A 171 10.18 -6.27 12.64
CA VAL A 171 10.33 -6.12 14.09
C VAL A 171 9.79 -7.35 14.83
N ARG A 172 8.58 -7.79 14.47
CA ARG A 172 8.03 -9.02 15.06
C ARG A 172 9.01 -10.19 14.91
N GLU A 173 9.60 -10.32 13.73
CA GLU A 173 10.55 -11.40 13.44
C GLU A 173 11.77 -11.38 14.36
N VAL A 174 12.42 -10.23 14.50
CA VAL A 174 13.61 -10.15 15.34
C VAL A 174 13.25 -10.24 16.84
N CYS A 175 12.05 -9.81 17.21
CA CYS A 175 11.56 -10.01 18.58
C CYS A 175 11.48 -11.51 18.89
N GLU A 176 10.92 -12.27 17.96
CA GLU A 176 10.84 -13.73 18.12
C GLU A 176 12.23 -14.35 18.18
N LEU A 177 13.14 -13.84 17.36
CA LEU A 177 14.51 -14.35 17.33
C LEU A 177 15.21 -14.17 18.68
N ILE A 178 15.09 -12.97 19.25
CA ILE A 178 15.70 -12.67 20.55
C ILE A 178 15.11 -13.56 21.64
N LEU A 179 13.78 -13.73 21.63
CA LEU A 179 13.13 -14.61 22.60
C LEU A 179 13.61 -16.05 22.48
N LYS A 180 13.80 -16.52 21.24
CA LYS A 180 14.31 -17.88 20.99
C LYS A 180 15.73 -18.04 21.54
N ALA A 181 16.59 -17.06 21.29
CA ALA A 181 17.98 -17.11 21.76
C ALA A 181 18.05 -17.12 23.29
N GLN A 182 17.03 -16.55 23.93
CA GLN A 182 17.00 -16.45 25.39
C GLN A 182 16.10 -17.53 26.04
N ASN A 183 15.69 -18.50 25.24
CA ASN A 183 14.84 -19.61 25.69
C ASN A 183 13.55 -19.12 26.37
N ASN A 184 12.97 -18.08 25.80
CA ASN A 184 11.74 -17.47 26.32
C ASN A 184 10.59 -17.50 25.31
N PHE A 185 10.89 -17.89 24.08
CA PHE A 185 9.90 -17.86 23.00
C PHE A 185 8.76 -18.85 23.20
N ASP A 186 9.12 -20.12 23.41
CA ASP A 186 8.11 -21.16 23.62
C ASP A 186 7.21 -20.85 24.82
N ALA A 187 7.81 -20.36 25.89
CA ALA A 187 7.08 -19.96 27.10
C ALA A 187 6.07 -18.86 26.78
N PHE A 188 6.49 -17.88 26.01
CA PHE A 188 5.59 -16.79 25.59
C PHE A 188 4.43 -17.31 24.75
N ILE A 189 4.74 -18.13 23.74
CA ILE A 189 3.72 -18.74 22.89
C ILE A 189 2.69 -19.53 23.71
N ALA A 190 3.18 -20.31 24.67
CA ALA A 190 2.33 -21.19 25.47
C ALA A 190 1.26 -20.43 26.26
N THR A 191 1.51 -19.16 26.56
CA THR A 191 0.54 -18.33 27.29
C THR A 191 -0.73 -18.11 26.45
N PHE A 192 -0.62 -18.30 25.13
CA PHE A 192 -1.76 -18.17 24.21
C PHE A 192 -2.38 -19.50 23.79
N GLN A 193 -1.87 -20.62 24.33
CA GLN A 193 -2.33 -21.95 23.95
C GLN A 193 -3.10 -22.65 25.08
N MET B 21 -8.61 -11.38 -29.93
CA MET B 21 -7.77 -10.22 -30.39
C MET B 21 -8.54 -9.34 -31.36
N ASN B 22 -8.97 -9.93 -32.48
CA ASN B 22 -9.69 -9.20 -33.52
C ASN B 22 -11.16 -8.96 -33.16
N GLU B 23 -11.76 -9.93 -32.48
CA GLU B 23 -13.12 -9.82 -31.98
C GLU B 23 -13.21 -8.71 -30.92
N ILE B 24 -12.17 -8.61 -30.10
CA ILE B 24 -12.05 -7.55 -29.09
C ILE B 24 -11.96 -6.18 -29.78
N TYR B 25 -11.10 -6.08 -30.78
CA TYR B 25 -10.92 -4.85 -31.55
C TYR B 25 -12.21 -4.42 -32.27
N GLN B 26 -12.95 -5.39 -32.80
CA GLN B 26 -14.24 -5.12 -33.43
C GLN B 26 -15.24 -4.51 -32.46
N LYS B 27 -15.24 -4.99 -31.22
CA LYS B 27 -16.11 -4.46 -30.18
C LYS B 27 -15.65 -3.09 -29.68
N ALA B 28 -14.34 -2.90 -29.62
CA ALA B 28 -13.78 -1.64 -29.12
C ALA B 28 -13.79 -0.51 -30.16
N LYS B 29 -13.78 -0.88 -31.44
CA LYS B 29 -13.69 0.08 -32.55
C LYS B 29 -14.82 1.12 -32.59
N HIS B 30 -16.00 0.73 -32.12
CA HIS B 30 -17.19 1.58 -32.23
C HIS B 30 -17.67 2.18 -30.91
N ILE B 31 -16.82 2.13 -29.90
CA ILE B 31 -17.16 2.66 -28.58
C ILE B 31 -17.24 4.19 -28.59
N LYS B 32 -18.40 4.69 -28.18
CA LYS B 32 -18.66 6.14 -28.11
C LYS B 32 -18.79 6.61 -26.65
N LEU B 33 -19.06 5.66 -25.77
CA LEU B 33 -19.23 5.95 -24.34
C LEU B 33 -18.47 4.90 -23.51
N PHE B 34 -17.61 5.38 -22.61
CA PHE B 34 -16.83 4.52 -21.74
C PHE B 34 -17.27 4.76 -20.30
N ALA B 35 -17.89 3.77 -19.69
CA ALA B 35 -18.41 3.86 -18.34
C ALA B 35 -17.65 2.94 -17.40
N MET B 36 -17.44 3.40 -16.17
CA MET B 36 -16.61 2.66 -15.23
C MET B 36 -17.16 2.62 -13.80
N ASP B 37 -17.00 1.45 -13.19
CA ASP B 37 -17.10 1.31 -11.74
C ASP B 37 -15.88 1.99 -11.13
N VAL B 38 -15.93 2.32 -9.84
CA VAL B 38 -14.79 2.97 -9.17
C VAL B 38 -13.95 1.99 -8.34
N ASP B 39 -14.55 1.45 -7.28
CA ASP B 39 -13.79 0.67 -6.31
C ASP B 39 -13.36 -0.68 -6.90
N GLY B 40 -12.05 -0.89 -6.96
CA GLY B 40 -11.50 -2.08 -7.59
C GLY B 40 -11.13 -1.87 -9.06
N ILE B 41 -11.54 -0.74 -9.63
CA ILE B 41 -11.23 -0.40 -11.02
C ILE B 41 -10.33 0.84 -11.07
N LEU B 42 -10.84 1.97 -10.59
CA LEU B 42 -10.04 3.20 -10.51
C LEU B 42 -9.18 3.21 -9.26
N SER B 43 -9.55 2.35 -8.30
CA SER B 43 -8.77 2.12 -7.09
C SER B 43 -8.51 0.62 -6.93
N ASP B 44 -7.68 0.26 -5.95
CA ASP B 44 -7.40 -1.15 -5.65
C ASP B 44 -8.46 -1.78 -4.75
N GLY B 45 -9.53 -1.02 -4.48
CA GLY B 45 -10.66 -1.53 -3.71
C GLY B 45 -10.65 -1.25 -2.22
N GLN B 46 -9.66 -0.49 -1.76
CA GLN B 46 -9.60 -0.10 -0.35
C GLN B 46 -10.65 0.95 0.01
N ILE B 47 -11.37 0.68 1.10
CA ILE B 47 -12.31 1.64 1.68
C ILE B 47 -11.69 2.14 2.98
N ILE B 48 -11.38 3.44 3.00
CA ILE B 48 -10.51 3.99 4.04
C ILE B 48 -11.30 4.97 4.91
N TYR B 49 -11.33 4.71 6.21
CA TYR B 49 -12.03 5.56 7.18
C TYR B 49 -11.09 6.06 8.26
N ASN B 50 -11.37 7.24 8.82
CA ASN B 50 -10.60 7.72 9.97
C ASN B 50 -11.45 8.12 11.18
N SER B 51 -10.77 8.46 12.28
CA SER B 51 -11.44 8.67 13.57
C SER B 51 -12.23 9.98 13.65
N GLU B 52 -12.07 10.84 12.64
CA GLU B 52 -12.84 12.08 12.53
C GLU B 52 -14.07 11.90 11.63
N GLY B 53 -14.26 10.69 11.12
CA GLY B 53 -15.39 10.37 10.25
C GLY B 53 -15.11 10.59 8.77
N THR B 54 -13.85 10.91 8.46
CA THR B 54 -13.45 11.25 7.10
C THR B 54 -13.10 10.01 6.30
N GLU B 55 -13.57 9.96 5.05
CA GLU B 55 -13.28 8.85 4.14
C GLU B 55 -12.23 9.22 3.10
N THR B 56 -11.41 8.25 2.72
CA THR B 56 -10.31 8.46 1.78
C THR B 56 -10.42 7.48 0.61
N LYS B 57 -10.04 7.94 -0.59
CA LYS B 57 -9.94 7.06 -1.75
C LYS B 57 -8.71 7.44 -2.57
N ALA B 58 -8.03 6.43 -3.13
CA ALA B 58 -6.82 6.65 -3.92
C ALA B 58 -7.00 6.25 -5.38
N PHE B 59 -6.41 7.06 -6.26
CA PHE B 59 -6.46 6.82 -7.70
C PHE B 59 -5.02 6.72 -8.24
N TYR B 60 -4.88 6.38 -9.53
CA TYR B 60 -3.55 6.19 -10.13
C TYR B 60 -3.33 7.18 -11.27
N VAL B 61 -2.19 7.88 -11.24
N VAL B 61 -2.18 7.87 -11.25
CA VAL B 61 -1.90 8.95 -12.22
CA VAL B 61 -1.89 8.95 -12.19
C VAL B 61 -1.99 8.51 -13.67
C VAL B 61 -1.94 8.54 -13.66
N GLN B 62 -1.44 7.34 -13.97
CA GLN B 62 -1.40 6.85 -15.34
C GLN B 62 -2.79 6.58 -15.92
N ASP B 63 -3.74 6.21 -15.07
CA ASP B 63 -5.14 6.07 -15.48
C ASP B 63 -5.72 7.41 -15.94
N GLY B 64 -5.31 8.47 -15.24
CA GLY B 64 -5.73 9.84 -15.56
C GLY B 64 -5.44 10.24 -17.00
N LEU B 65 -4.19 10.05 -17.42
CA LEU B 65 -3.79 10.36 -18.79
C LEU B 65 -4.53 9.50 -19.82
N GLY B 66 -4.69 8.22 -19.50
CA GLY B 66 -5.43 7.29 -20.36
C GLY B 66 -6.85 7.77 -20.62
N LEU B 67 -7.54 8.15 -19.55
CA LEU B 67 -8.92 8.65 -19.65
C LEU B 67 -9.01 9.97 -20.39
N GLN B 68 -8.08 10.88 -20.11
CA GLN B 68 -8.03 12.17 -20.80
C GLN B 68 -7.86 11.96 -22.31
N ALA B 69 -7.01 11.02 -22.67
CA ALA B 69 -6.78 10.65 -24.07
C ALA B 69 -8.05 10.14 -24.74
N LEU B 70 -8.76 9.26 -24.05
CA LEU B 70 -10.04 8.73 -24.54
C LEU B 70 -11.06 9.84 -24.76
N LYS B 71 -11.16 10.73 -23.78
CA LYS B 71 -12.06 11.87 -23.84
C LYS B 71 -11.75 12.76 -25.05
N GLN B 72 -10.47 13.07 -25.24
CA GLN B 72 -10.04 13.92 -26.36
C GLN B 72 -10.28 13.30 -27.72
N SER B 73 -10.35 11.97 -27.79
CA SER B 73 -10.63 11.27 -29.03
C SER B 73 -12.12 11.27 -29.39
N GLY B 74 -12.94 11.81 -28.49
CA GLY B 74 -14.37 11.97 -28.75
C GLY B 74 -15.29 11.03 -27.98
N ILE B 75 -14.70 10.25 -27.07
CA ILE B 75 -15.47 9.31 -26.26
C ILE B 75 -15.98 9.99 -24.99
N ILE B 76 -17.25 9.77 -24.68
CA ILE B 76 -17.85 10.32 -23.45
C ILE B 76 -17.52 9.41 -22.28
N LEU B 77 -17.04 10.00 -21.18
CA LEU B 77 -16.66 9.23 -20.00
C LEU B 77 -17.72 9.30 -18.91
N ALA B 78 -17.98 8.16 -18.27
CA ALA B 78 -18.97 8.09 -17.21
C ALA B 78 -18.52 7.21 -16.04
N ILE B 79 -18.98 7.56 -14.85
CA ILE B 79 -18.79 6.74 -13.66
C ILE B 79 -20.17 6.22 -13.21
N ILE B 80 -20.25 4.92 -12.95
CA ILE B 80 -21.45 4.33 -12.35
C ILE B 80 -21.01 3.51 -11.14
N THR B 81 -21.37 3.98 -9.94
N THR B 81 -21.40 3.97 -9.95
CA THR B 81 -20.91 3.34 -8.70
CA THR B 81 -20.99 3.34 -8.71
C THR B 81 -21.99 3.23 -7.64
C THR B 81 -22.15 3.10 -7.76
N GLY B 82 -21.93 2.15 -6.85
CA GLY B 82 -22.90 1.88 -5.78
C GLY B 82 -22.66 2.72 -4.54
N ARG B 83 -21.43 3.20 -4.37
CA ARG B 83 -21.08 4.09 -3.26
C ARG B 83 -21.20 5.56 -3.70
N SER B 84 -21.08 6.47 -2.74
CA SER B 84 -21.15 7.91 -3.02
CA SER B 84 -21.17 7.91 -3.01
C SER B 84 -20.13 8.69 -2.20
N SER B 85 -19.31 9.49 -2.89
CA SER B 85 -18.28 10.29 -2.22
C SER B 85 -17.86 11.53 -3.01
N ALA B 86 -17.36 12.53 -2.29
CA ALA B 86 -16.79 13.74 -2.89
C ALA B 86 -15.48 13.45 -3.64
N MET B 87 -14.75 12.43 -3.20
CA MET B 87 -13.50 12.03 -3.85
C MET B 87 -13.73 11.64 -5.31
N VAL B 88 -14.81 10.90 -5.55
CA VAL B 88 -15.19 10.49 -6.91
C VAL B 88 -15.57 11.72 -7.75
N ASP B 89 -16.34 12.63 -7.15
CA ASP B 89 -16.69 13.89 -7.83
C ASP B 89 -15.45 14.67 -8.23
N ARG B 90 -14.50 14.79 -7.31
CA ARG B 90 -13.27 15.53 -7.53
C ARG B 90 -12.40 14.92 -8.63
N ARG B 91 -12.18 13.60 -8.55
CA ARG B 91 -11.40 12.88 -9.56
C ARG B 91 -12.06 12.98 -10.94
N ALA B 92 -13.38 12.81 -10.97
CA ALA B 92 -14.14 12.89 -12.22
C ALA B 92 -14.01 14.27 -12.87
N LYS B 93 -14.16 15.32 -12.07
CA LYS B 93 -14.09 16.70 -12.56
C LYS B 93 -12.75 17.01 -13.22
N GLU B 94 -11.65 16.59 -12.60
CA GLU B 94 -10.32 16.92 -13.12
C GLU B 94 -9.97 16.16 -14.40
N LEU B 95 -10.66 15.05 -14.64
CA LEU B 95 -10.40 14.20 -15.81
C LEU B 95 -11.41 14.40 -16.94
N GLY B 96 -12.44 15.19 -16.67
CA GLY B 96 -13.50 15.42 -17.65
C GLY B 96 -14.45 14.25 -17.77
N ILE B 97 -14.58 13.48 -16.70
CA ILE B 97 -15.62 12.46 -16.60
C ILE B 97 -16.91 13.20 -16.29
N SER B 98 -17.82 13.23 -17.27
CA SER B 98 -18.91 14.21 -17.31
C SER B 98 -20.25 13.68 -16.83
N HIS B 99 -20.32 12.37 -16.59
CA HIS B 99 -21.52 11.76 -16.03
C HIS B 99 -21.11 10.93 -14.84
N ILE B 100 -21.53 11.36 -13.66
CA ILE B 100 -21.12 10.74 -12.42
C ILE B 100 -22.37 10.25 -11.72
N ILE B 101 -22.66 8.96 -11.87
CA ILE B 101 -23.83 8.35 -11.28
C ILE B 101 -23.40 7.55 -10.07
N GLN B 102 -23.70 8.08 -8.87
CA GLN B 102 -23.28 7.46 -7.62
C GLN B 102 -24.49 6.92 -6.84
N GLY B 103 -24.22 6.01 -5.90
CA GLY B 103 -25.27 5.39 -5.09
C GLY B 103 -26.28 4.58 -5.87
N GLN B 104 -25.81 3.91 -6.92
CA GLN B 104 -26.69 3.18 -7.83
C GLN B 104 -26.80 1.70 -7.46
N ASP B 105 -28.04 1.23 -7.32
CA ASP B 105 -28.31 -0.16 -6.95
C ASP B 105 -28.16 -1.12 -8.13
N ASP B 106 -28.60 -0.68 -9.30
CA ASP B 106 -28.55 -1.48 -10.52
CA ASP B 106 -28.55 -1.48 -10.52
C ASP B 106 -27.75 -0.76 -11.59
N LYS B 107 -26.54 -1.25 -11.86
CA LYS B 107 -25.63 -0.60 -12.79
C LYS B 107 -26.04 -0.72 -14.26
N LEU B 108 -26.64 -1.85 -14.62
CA LEU B 108 -27.13 -2.05 -15.99
C LEU B 108 -28.23 -1.03 -16.32
N THR B 109 -29.20 -0.85 -15.43
N THR B 109 -29.20 -0.87 -15.43
CA THR B 109 -30.30 0.09 -15.69
CA THR B 109 -30.29 0.08 -15.64
C THR B 109 -29.84 1.56 -15.66
C THR B 109 -29.73 1.50 -15.79
N ALA B 110 -28.76 1.83 -14.95
CA ALA B 110 -28.13 3.16 -14.99
C ALA B 110 -27.42 3.41 -16.32
N LEU B 111 -26.70 2.40 -16.80
CA LEU B 111 -26.00 2.50 -18.09
C LEU B 111 -26.98 2.63 -19.25
N VAL B 112 -28.04 1.83 -19.23
CA VAL B 112 -29.09 1.88 -20.24
C VAL B 112 -29.75 3.27 -20.24
N GLY B 113 -30.04 3.78 -19.05
CA GLY B 113 -30.65 5.09 -18.90
C GLY B 113 -29.79 6.22 -19.45
N LEU B 114 -28.50 6.17 -19.12
CA LEU B 114 -27.55 7.18 -19.56
C LEU B 114 -27.36 7.17 -21.07
N THR B 115 -27.18 5.98 -21.64
CA THR B 115 -26.90 5.84 -23.06
C THR B 115 -28.13 6.16 -23.93
N LYS B 116 -29.32 5.92 -23.38
CA LYS B 116 -30.57 6.32 -24.03
C LYS B 116 -30.71 7.84 -24.10
N LYS B 117 -30.40 8.52 -23.01
CA LYS B 117 -30.52 9.98 -22.99
C LYS B 117 -29.46 10.68 -23.84
N LEU B 118 -28.31 10.02 -24.02
CA LEU B 118 -27.24 10.54 -24.86
C LEU B 118 -27.36 10.09 -26.32
N GLY B 119 -28.34 9.25 -26.62
CA GLY B 119 -28.58 8.79 -27.99
C GLY B 119 -27.49 7.87 -28.53
N ILE B 120 -26.88 7.10 -27.62
CA ILE B 120 -25.84 6.15 -27.96
C ILE B 120 -26.39 4.74 -27.73
N GLU B 121 -26.19 3.87 -28.72
CA GLU B 121 -26.62 2.47 -28.59
C GLU B 121 -25.76 1.75 -27.56
N LEU B 122 -26.37 0.79 -26.85
CA LEU B 122 -25.66 0.00 -25.85
C LEU B 122 -24.48 -0.77 -26.43
N SER B 123 -24.60 -1.15 -27.70
CA SER B 123 -23.53 -1.85 -28.43
C SER B 123 -22.31 -0.97 -28.62
N HIS B 124 -22.49 0.33 -28.47
CA HIS B 124 -21.39 1.29 -28.60
C HIS B 124 -20.96 1.83 -27.24
N CYS B 125 -21.35 1.12 -26.19
CA CYS B 125 -20.91 1.42 -24.83
C CYS B 125 -19.89 0.41 -24.34
N ALA B 126 -18.90 0.92 -23.62
CA ALA B 126 -17.97 0.09 -22.88
C ALA B 126 -18.26 0.22 -21.39
N TYR B 127 -18.13 -0.88 -20.67
CA TYR B 127 -18.24 -0.86 -19.21
C TYR B 127 -17.19 -1.75 -18.57
N ILE B 128 -16.49 -1.19 -17.59
CA ILE B 128 -15.49 -1.93 -16.82
C ILE B 128 -15.92 -2.04 -15.36
N GLY B 129 -15.94 -3.27 -14.84
CA GLY B 129 -16.32 -3.54 -13.46
C GLY B 129 -15.55 -4.71 -12.87
N ASP B 130 -15.59 -4.85 -11.55
CA ASP B 130 -14.82 -5.89 -10.88
C ASP B 130 -15.64 -6.92 -10.08
N ASP B 131 -16.82 -6.55 -9.61
CA ASP B 131 -17.56 -7.45 -8.73
C ASP B 131 -18.96 -7.77 -9.27
N LEU B 132 -19.72 -8.53 -8.49
CA LEU B 132 -21.02 -9.04 -8.90
C LEU B 132 -22.04 -7.97 -9.33
N PRO B 133 -22.09 -6.82 -8.62
CA PRO B 133 -23.02 -5.77 -9.08
C PRO B 133 -22.72 -5.24 -10.49
N ASP B 134 -21.52 -5.50 -11.00
CA ASP B 134 -21.13 -5.08 -12.34
C ASP B 134 -21.43 -6.11 -13.42
N LEU B 135 -21.83 -7.30 -12.99
CA LEU B 135 -21.91 -8.46 -13.91
C LEU B 135 -22.80 -8.19 -15.12
N LYS B 136 -24.03 -7.74 -14.86
CA LYS B 136 -25.00 -7.53 -15.94
C LYS B 136 -24.53 -6.46 -16.93
N ALA B 137 -23.95 -5.37 -16.40
CA ALA B 137 -23.46 -4.27 -17.24
C ALA B 137 -22.26 -4.69 -18.10
N VAL B 138 -21.35 -5.47 -17.53
CA VAL B 138 -20.22 -6.03 -18.28
C VAL B 138 -20.72 -6.97 -19.38
N ARG B 139 -21.72 -7.79 -19.04
CA ARG B 139 -22.28 -8.77 -19.95
C ARG B 139 -23.01 -8.14 -21.13
N GLU B 140 -23.78 -7.09 -20.87
CA GLU B 140 -24.69 -6.50 -21.86
C GLU B 140 -24.09 -5.35 -22.68
N ALA B 141 -23.04 -4.71 -22.16
CA ALA B 141 -22.38 -3.63 -22.89
C ALA B 141 -21.74 -4.14 -24.19
N GLY B 142 -21.59 -3.27 -25.17
CA GLY B 142 -20.92 -3.62 -26.43
C GLY B 142 -19.52 -4.15 -26.18
N PHE B 143 -18.83 -3.53 -25.23
CA PHE B 143 -17.50 -3.96 -24.83
C PHE B 143 -17.45 -4.01 -23.31
N GLY B 144 -17.47 -5.23 -22.77
CA GLY B 144 -17.42 -5.44 -21.33
C GLY B 144 -16.02 -5.83 -20.88
N ILE B 145 -15.54 -5.19 -19.83
CA ILE B 145 -14.17 -5.37 -19.37
C ILE B 145 -14.14 -5.68 -17.87
N SER B 146 -13.25 -6.59 -17.48
CA SER B 146 -12.97 -6.77 -16.06
C SER B 146 -11.46 -6.79 -15.79
N VAL B 147 -11.11 -7.10 -14.55
CA VAL B 147 -9.74 -6.98 -14.05
C VAL B 147 -9.33 -8.27 -13.33
N PRO B 148 -8.01 -8.53 -13.20
CA PRO B 148 -7.54 -9.80 -12.62
C PRO B 148 -8.15 -10.11 -11.26
N ASN B 149 -8.28 -9.10 -10.41
CA ASN B 149 -8.84 -9.28 -9.07
C ASN B 149 -10.36 -9.14 -9.02
N GLY B 150 -10.97 -9.04 -10.20
CA GLY B 150 -12.43 -9.09 -10.30
C GLY B 150 -12.94 -10.47 -9.95
N CYS B 151 -14.20 -10.56 -9.53
CA CYS B 151 -14.79 -11.87 -9.24
C CYS B 151 -14.86 -12.72 -10.51
N GLU B 152 -14.80 -14.04 -10.33
CA GLU B 152 -14.78 -14.99 -11.44
CA GLU B 152 -14.77 -14.98 -11.45
C GLU B 152 -15.99 -14.83 -12.35
N GLN B 153 -17.14 -14.55 -11.75
CA GLN B 153 -18.41 -14.46 -12.48
C GLN B 153 -18.50 -13.26 -13.40
N THR B 154 -17.94 -12.13 -12.97
CA THR B 154 -17.88 -10.94 -13.82
C THR B 154 -16.79 -11.09 -14.89
N ARG B 155 -15.66 -11.71 -14.52
CA ARG B 155 -14.62 -12.04 -15.49
C ARG B 155 -15.14 -12.97 -16.57
N ALA B 156 -16.02 -13.90 -16.19
CA ALA B 156 -16.59 -14.90 -17.10
C ALA B 156 -17.41 -14.30 -18.24
N VAL B 157 -18.07 -13.17 -17.98
CA VAL B 157 -18.91 -12.51 -18.99
C VAL B 157 -18.24 -11.31 -19.66
N SER B 158 -16.94 -11.12 -19.39
N SER B 158 -16.94 -11.12 -19.39
CA SER B 158 -16.19 -10.02 -19.97
CA SER B 158 -16.17 -10.04 -19.98
C SER B 158 -15.62 -10.35 -21.35
C SER B 158 -15.71 -10.38 -21.40
N ASP B 159 -15.51 -9.33 -22.19
CA ASP B 159 -14.91 -9.47 -23.53
C ASP B 159 -13.40 -9.35 -23.44
N TYR B 160 -12.94 -8.63 -22.41
CA TYR B 160 -11.52 -8.42 -22.17
C TYR B 160 -11.25 -8.33 -20.68
N ILE B 161 -10.19 -9.01 -20.24
CA ILE B 161 -9.69 -8.88 -18.87
C ILE B 161 -8.30 -8.25 -18.95
N THR B 162 -8.11 -7.15 -18.23
CA THR B 162 -6.83 -6.42 -18.25
C THR B 162 -5.72 -7.25 -17.58
N THR B 163 -4.49 -6.98 -17.98
CA THR B 163 -3.32 -7.58 -17.35
C THR B 163 -2.99 -6.84 -16.05
N LYS B 164 -3.02 -5.50 -16.12
CA LYS B 164 -2.79 -4.68 -14.94
C LYS B 164 -4.01 -4.68 -14.02
N THR B 165 -3.78 -4.44 -12.74
CA THR B 165 -4.83 -4.53 -11.73
C THR B 165 -5.49 -3.17 -11.47
N GLY B 166 -6.66 -3.21 -10.84
CA GLY B 166 -7.39 -1.99 -10.48
C GLY B 166 -6.59 -1.08 -9.58
N GLY B 167 -6.55 0.21 -9.93
CA GLY B 167 -5.77 1.20 -9.21
C GLY B 167 -4.29 1.13 -9.51
N ASN B 168 -3.93 0.30 -10.50
CA ASN B 168 -2.53 0.06 -10.85
C ASN B 168 -2.30 0.05 -12.36
N GLY B 169 -3.26 0.59 -13.11
CA GLY B 169 -3.10 0.76 -14.54
C GLY B 169 -4.06 -0.02 -15.42
N ALA B 170 -5.02 -0.71 -14.80
CA ALA B 170 -6.05 -1.42 -15.55
C ALA B 170 -6.79 -0.49 -16.50
N VAL B 171 -7.16 0.69 -16.01
CA VAL B 171 -7.89 1.67 -16.82
C VAL B 171 -7.02 2.23 -17.94
N ARG B 172 -5.77 2.59 -17.62
CA ARG B 172 -4.84 3.07 -18.64
C ARG B 172 -4.68 2.05 -19.77
N GLU B 173 -4.56 0.78 -19.39
CA GLU B 173 -4.41 -0.33 -20.34
C GLU B 173 -5.58 -0.42 -21.31
N VAL B 174 -6.81 -0.43 -20.79
CA VAL B 174 -7.98 -0.54 -21.66
C VAL B 174 -8.19 0.73 -22.50
N CYS B 175 -7.82 1.88 -21.96
CA CYS B 175 -7.86 3.13 -22.73
C CYS B 175 -6.95 3.03 -23.96
N GLU B 176 -5.74 2.53 -23.76
CA GLU B 176 -4.81 2.32 -24.87
C GLU B 176 -5.33 1.29 -25.88
N LEU B 177 -6.00 0.25 -25.39
CA LEU B 177 -6.61 -0.76 -26.27
C LEU B 177 -7.66 -0.12 -27.18
N ILE B 178 -8.53 0.68 -26.58
CA ILE B 178 -9.60 1.35 -27.34
C ILE B 178 -9.03 2.35 -28.35
N LEU B 179 -8.02 3.12 -27.92
CA LEU B 179 -7.30 4.01 -28.83
C LEU B 179 -6.73 3.25 -30.04
N LYS B 180 -6.12 2.10 -29.79
CA LYS B 180 -5.55 1.26 -30.86
C LYS B 180 -6.64 0.80 -31.82
N ALA B 181 -7.76 0.34 -31.26
CA ALA B 181 -8.89 -0.14 -32.04
C ALA B 181 -9.53 0.94 -32.91
N GLN B 182 -9.34 2.19 -32.51
CA GLN B 182 -9.93 3.33 -33.22
C GLN B 182 -8.88 4.12 -34.01
N ASN B 183 -7.71 3.52 -34.21
CA ASN B 183 -6.60 4.12 -34.96
C ASN B 183 -6.19 5.50 -34.42
N ASN B 184 -6.17 5.62 -33.10
CA ASN B 184 -5.83 6.88 -32.44
C ASN B 184 -4.62 6.75 -31.53
N PHE B 185 -4.13 5.53 -31.33
CA PHE B 185 -3.05 5.29 -30.37
C PHE B 185 -1.69 5.82 -30.81
N ASP B 186 -1.28 5.48 -32.02
CA ASP B 186 0.04 5.90 -32.50
C ASP B 186 0.14 7.43 -32.55
N ALA B 187 -0.95 8.08 -32.91
CA ALA B 187 -1.03 9.54 -32.90
C ALA B 187 -0.94 10.11 -31.49
N PHE B 188 -1.62 9.47 -30.54
CA PHE B 188 -1.57 9.80 -29.12
C PHE B 188 -0.13 9.78 -28.61
N ILE B 189 0.58 8.70 -28.91
CA ILE B 189 1.99 8.57 -28.54
C ILE B 189 2.85 9.64 -29.21
N ALA B 190 2.61 9.86 -30.51
CA ALA B 190 3.39 10.82 -31.29
C ALA B 190 3.29 12.26 -30.78
N THR B 191 2.19 12.61 -30.13
CA THR B 191 2.05 13.98 -29.59
C THR B 191 3.09 14.26 -28.49
N PHE B 192 3.63 13.18 -27.92
CA PHE B 192 4.63 13.27 -26.86
C PHE B 192 6.06 13.01 -27.34
N GLN B 193 6.24 12.93 -28.66
CA GLN B 193 7.54 12.64 -29.26
C GLN B 193 8.05 13.81 -30.10
N HIS C 20 26.36 -2.36 -19.89
CA HIS C 20 26.12 -0.99 -20.43
C HIS C 20 26.27 0.09 -19.36
N MET C 21 26.82 -0.29 -18.21
CA MET C 21 27.01 0.64 -17.09
C MET C 21 28.11 1.67 -17.34
N ASN C 22 29.10 1.29 -18.16
CA ASN C 22 30.20 2.18 -18.50
C ASN C 22 29.73 3.45 -19.22
N GLU C 23 28.82 3.28 -20.18
CA GLU C 23 28.26 4.43 -20.92
C GLU C 23 27.28 5.22 -20.05
N ILE C 24 26.61 4.53 -19.14
CA ILE C 24 25.72 5.18 -18.17
C ILE C 24 26.52 6.03 -17.20
N TYR C 25 27.62 5.49 -16.67
CA TYR C 25 28.52 6.26 -15.80
C TYR C 25 29.12 7.46 -16.53
N GLN C 26 29.43 7.28 -17.81
CA GLN C 26 29.98 8.35 -18.64
C GLN C 26 29.00 9.51 -18.81
N LYS C 27 27.72 9.17 -18.96
CA LYS C 27 26.66 10.18 -19.07
C LYS C 27 26.40 10.88 -17.73
N ALA C 28 26.44 10.11 -16.65
CA ALA C 28 26.20 10.62 -15.31
C ALA C 28 27.39 11.44 -14.76
N LYS C 29 28.57 11.19 -15.31
CA LYS C 29 29.81 11.85 -14.87
C LYS C 29 29.74 13.38 -14.95
N HIS C 30 29.01 13.89 -15.94
CA HIS C 30 29.01 15.33 -16.24
C HIS C 30 27.79 16.08 -15.70
N ILE C 31 26.94 15.39 -14.94
CA ILE C 31 25.68 15.98 -14.46
C ILE C 31 25.88 17.07 -13.42
N LYS C 32 25.33 18.25 -13.73
CA LYS C 32 25.35 19.40 -12.83
C LYS C 32 23.95 19.70 -12.28
N LEU C 33 22.93 19.23 -13.00
CA LEU C 33 21.54 19.47 -12.64
C LEU C 33 20.73 18.17 -12.74
N PHE C 34 20.03 17.83 -11.66
CA PHE C 34 19.18 16.64 -11.61
C PHE C 34 17.72 17.06 -11.43
N ALA C 35 16.92 16.83 -12.47
CA ALA C 35 15.51 17.22 -12.47
C ALA C 35 14.61 15.99 -12.44
N MET C 36 13.53 16.08 -11.68
CA MET C 36 12.66 14.93 -11.49
C MET C 36 11.17 15.24 -11.59
N ASP C 37 10.45 14.32 -12.22
CA ASP C 37 9.00 14.28 -12.14
C ASP C 37 8.63 13.85 -10.72
N VAL C 38 7.39 14.12 -10.31
CA VAL C 38 6.94 13.77 -8.96
C VAL C 38 6.17 12.45 -8.94
N ASP C 39 4.97 12.46 -9.52
CA ASP C 39 4.06 11.32 -9.40
C ASP C 39 4.56 10.14 -10.23
N GLY C 40 4.85 9.03 -9.56
CA GLY C 40 5.43 7.86 -10.22
C GLY C 40 6.94 7.76 -10.05
N ILE C 41 7.56 8.84 -9.59
CA ILE C 41 9.01 8.89 -9.37
C ILE C 41 9.32 9.06 -7.88
N LEU C 42 8.93 10.20 -7.31
CA LEU C 42 9.07 10.43 -5.87
C LEU C 42 7.96 9.75 -5.08
N SER C 43 6.85 9.45 -5.76
CA SER C 43 5.75 8.68 -5.21
C SER C 43 5.51 7.46 -6.10
N ASP C 44 4.66 6.54 -5.64
CA ASP C 44 4.31 5.37 -6.45
C ASP C 44 3.18 5.65 -7.46
N GLY C 45 2.77 6.91 -7.56
CA GLY C 45 1.75 7.32 -8.53
C GLY C 45 0.33 7.42 -7.99
N GLN C 46 0.13 7.21 -6.71
CA GLN C 46 -1.21 7.35 -6.12
C GLN C 46 -1.59 8.81 -5.94
N ILE C 47 -2.80 9.14 -6.38
CA ILE C 47 -3.40 10.45 -6.12
C ILE C 47 -4.51 10.21 -5.11
N ILE C 48 -4.35 10.78 -3.92
CA ILE C 48 -5.17 10.44 -2.77
C ILE C 48 -6.03 11.62 -2.34
N TYR C 49 -7.35 11.42 -2.30
CA TYR C 49 -8.30 12.46 -1.88
C TYR C 49 -9.14 11.99 -0.70
N ASN C 50 -9.62 12.93 0.11
CA ASN C 50 -10.58 12.59 1.17
C ASN C 50 -11.85 13.44 1.18
N SER C 51 -12.79 13.08 2.05
CA SER C 51 -14.12 13.69 2.08
C SER C 51 -14.17 15.11 2.68
N GLU C 52 -13.03 15.59 3.18
CA GLU C 52 -12.90 16.95 3.69
CA GLU C 52 -12.92 16.96 3.67
C GLU C 52 -12.32 17.88 2.62
N GLY C 53 -12.02 17.32 1.45
CA GLY C 53 -11.43 18.07 0.33
C GLY C 53 -9.92 18.10 0.35
N THR C 54 -9.31 17.24 1.17
CA THR C 54 -7.88 17.22 1.39
C THR C 54 -7.18 16.18 0.51
N GLU C 55 -6.06 16.59 -0.10
CA GLU C 55 -5.25 15.69 -0.93
C GLU C 55 -3.99 15.22 -0.20
N THR C 56 -3.61 13.97 -0.45
CA THR C 56 -2.46 13.35 0.20
C THR C 56 -1.48 12.81 -0.83
N LYS C 57 -0.18 12.90 -0.52
CA LYS C 57 0.85 12.25 -1.33
C LYS C 57 1.90 11.60 -0.43
N ALA C 58 2.45 10.48 -0.90
CA ALA C 58 3.43 9.72 -0.12
C ALA C 58 4.79 9.70 -0.81
N PHE C 59 5.83 9.89 -0.01
CA PHE C 59 7.21 9.86 -0.48
C PHE C 59 8.00 8.77 0.25
N TYR C 60 9.24 8.54 -0.15
CA TYR C 60 10.06 7.49 0.44
C TYR C 60 11.28 8.06 1.17
N VAL C 61 11.46 7.62 2.42
CA VAL C 61 12.47 8.20 3.32
C VAL C 61 13.91 8.11 2.77
N GLN C 62 14.25 7.01 2.11
CA GLN C 62 15.60 6.82 1.59
C GLN C 62 15.94 7.73 0.42
N ASP C 63 14.92 8.15 -0.33
CA ASP C 63 15.09 9.13 -1.40
C ASP C 63 15.57 10.49 -0.87
N GLY C 64 15.10 10.84 0.33
CA GLY C 64 15.50 12.09 0.97
C GLY C 64 16.99 12.16 1.22
N LEU C 65 17.54 11.12 1.81
CA LEU C 65 18.97 11.06 2.12
C LEU C 65 19.80 11.05 0.84
N GLY C 66 19.30 10.37 -0.18
CA GLY C 66 19.97 10.31 -1.49
C GLY C 66 20.06 11.68 -2.15
N LEU C 67 18.95 12.42 -2.12
CA LEU C 67 18.91 13.77 -2.69
C LEU C 67 19.78 14.75 -1.92
N GLN C 68 19.82 14.60 -0.59
CA GLN C 68 20.72 15.40 0.23
C GLN C 68 22.19 15.18 -0.13
N ALA C 69 22.56 13.91 -0.34
CA ALA C 69 23.92 13.58 -0.76
C ALA C 69 24.28 14.20 -2.10
N LEU C 70 23.35 14.13 -3.06
CA LEU C 70 23.54 14.75 -4.37
C LEU C 70 23.74 16.25 -4.27
N LYS C 71 22.87 16.91 -3.50
CA LYS C 71 22.95 18.35 -3.30
C LYS C 71 24.28 18.75 -2.65
N GLN C 72 24.69 18.00 -1.62
CA GLN C 72 25.93 18.28 -0.90
C GLN C 72 27.17 18.13 -1.80
N SER C 73 27.05 17.33 -2.85
CA SER C 73 28.13 17.13 -3.81
C SER C 73 28.23 18.26 -4.85
N GLY C 74 27.27 19.17 -4.83
CA GLY C 74 27.28 20.34 -5.71
C GLY C 74 26.28 20.32 -6.85
N ILE C 75 25.46 19.28 -6.91
CA ILE C 75 24.46 19.15 -7.97
C ILE C 75 23.18 19.90 -7.62
N ILE C 76 22.65 20.65 -8.59
CA ILE C 76 21.42 21.41 -8.42
C ILE C 76 20.22 20.49 -8.63
N LEU C 77 19.21 20.64 -7.79
CA LEU C 77 18.02 19.79 -7.85
C LEU C 77 16.80 20.54 -8.31
N ALA C 78 15.96 19.87 -9.10
CA ALA C 78 14.74 20.47 -9.64
C ALA C 78 13.57 19.48 -9.67
N ILE C 79 12.37 20.01 -9.49
CA ILE C 79 11.15 19.25 -9.71
C ILE C 79 10.38 19.87 -10.89
N ILE C 80 9.87 19.01 -11.78
CA ILE C 80 8.98 19.47 -12.85
C ILE C 80 7.76 18.57 -12.91
N THR C 81 6.61 19.12 -12.53
CA THR C 81 5.37 18.33 -12.44
C THR C 81 4.19 19.06 -13.09
N GLY C 82 3.29 18.28 -13.67
CA GLY C 82 2.07 18.80 -14.29
C GLY C 82 1.00 19.18 -13.28
N ARG C 83 1.07 18.57 -12.11
CA ARG C 83 0.15 18.87 -11.01
C ARG C 83 0.69 20.00 -10.15
N SER C 84 -0.08 20.40 -9.14
CA SER C 84 0.33 21.44 -8.20
C SER C 84 -0.26 21.16 -6.81
N SER C 85 0.63 21.04 -5.81
CA SER C 85 0.19 20.77 -4.44
C SER C 85 1.16 21.30 -3.38
N ALA C 86 0.63 21.54 -2.19
CA ALA C 86 1.43 21.99 -1.04
C ALA C 86 2.39 20.92 -0.55
N MET C 87 2.01 19.65 -0.72
CA MET C 87 2.85 18.51 -0.34
C MET C 87 4.17 18.51 -1.11
N VAL C 88 4.10 18.86 -2.39
CA VAL C 88 5.28 18.94 -3.25
C VAL C 88 6.20 20.07 -2.79
N ASP C 89 5.61 21.22 -2.45
CA ASP C 89 6.37 22.34 -1.89
C ASP C 89 7.07 21.98 -0.57
N ARG C 90 6.32 21.33 0.33
CA ARG C 90 6.86 20.89 1.62
C ARG C 90 8.03 19.92 1.44
N ARG C 91 7.81 18.87 0.65
CA ARG C 91 8.84 17.84 0.46
C ARG C 91 10.07 18.43 -0.22
N ALA C 92 9.86 19.28 -1.22
CA ALA C 92 10.96 19.94 -1.94
C ALA C 92 11.80 20.81 -1.02
N LYS C 93 11.14 21.65 -0.23
CA LYS C 93 11.79 22.50 0.77
C LYS C 93 12.61 21.66 1.77
N GLU C 94 12.02 20.56 2.22
CA GLU C 94 12.63 19.67 3.19
C GLU C 94 13.93 19.05 2.66
N LEU C 95 13.95 18.76 1.36
CA LEU C 95 15.08 18.07 0.75
C LEU C 95 16.03 18.99 -0.03
N GLY C 96 15.77 20.28 0.05
CA GLY C 96 16.61 21.28 -0.61
C GLY C 96 16.50 21.28 -2.13
N ILE C 97 15.31 20.96 -2.63
CA ILE C 97 15.03 21.09 -4.06
C ILE C 97 14.68 22.55 -4.32
N SER C 98 15.60 23.26 -4.96
CA SER C 98 15.54 24.72 -5.06
C SER C 98 14.77 25.26 -6.25
N HIS C 99 14.47 24.38 -7.21
CA HIS C 99 13.73 24.78 -8.40
C HIS C 99 12.49 23.90 -8.53
N ILE C 100 11.35 24.47 -8.15
CA ILE C 100 10.10 23.75 -8.10
C ILE C 100 9.19 24.31 -9.19
N ILE C 101 8.98 23.52 -10.23
CA ILE C 101 8.14 23.91 -11.33
C ILE C 101 6.90 23.02 -11.32
N GLN C 102 5.77 23.60 -10.90
CA GLN C 102 4.51 22.87 -10.84
C GLN C 102 3.55 23.39 -11.90
N GLY C 103 2.49 22.61 -12.17
CA GLY C 103 1.50 22.96 -13.19
C GLY C 103 2.10 23.07 -14.57
N GLN C 104 3.04 22.19 -14.88
CA GLN C 104 3.75 22.20 -16.16
C GLN C 104 3.93 20.78 -16.72
N ASP C 105 3.11 20.44 -17.71
CA ASP C 105 3.18 19.13 -18.38
C ASP C 105 4.31 19.06 -19.40
N ASP C 106 4.68 20.21 -19.97
CA ASP C 106 5.72 20.28 -20.99
C ASP C 106 7.09 20.25 -20.31
N LYS C 107 7.57 19.05 -20.03
CA LYS C 107 8.78 18.86 -19.23
C LYS C 107 10.05 19.34 -19.93
N LEU C 108 10.14 19.11 -21.23
CA LEU C 108 11.31 19.53 -22.01
C LEU C 108 11.47 21.05 -22.05
N THR C 109 10.37 21.77 -22.34
CA THR C 109 10.40 23.24 -22.37
C THR C 109 10.82 23.79 -21.00
N ALA C 110 10.27 23.20 -19.95
CA ALA C 110 10.63 23.58 -18.57
C ALA C 110 12.11 23.32 -18.28
N LEU C 111 12.61 22.16 -18.68
CA LEU C 111 14.01 21.80 -18.46
C LEU C 111 14.96 22.70 -19.26
N VAL C 112 14.62 22.95 -20.52
CA VAL C 112 15.37 23.88 -21.37
C VAL C 112 15.37 25.29 -20.76
N GLY C 113 14.22 25.71 -20.23
CA GLY C 113 14.11 27.00 -19.53
C GLY C 113 15.08 27.09 -18.37
N LEU C 114 15.22 26.00 -17.63
CA LEU C 114 16.18 25.90 -16.53
C LEU C 114 17.62 25.96 -17.00
N THR C 115 17.92 25.30 -18.12
CA THR C 115 19.28 25.30 -18.69
C THR C 115 19.77 26.71 -18.97
N LYS C 116 18.91 27.52 -19.59
CA LYS C 116 19.24 28.89 -19.94
C LYS C 116 19.37 29.78 -18.70
N LYS C 117 18.44 29.62 -17.76
CA LYS C 117 18.42 30.41 -16.53
C LYS C 117 19.62 30.15 -15.62
N LEU C 118 20.09 28.91 -15.61
CA LEU C 118 21.20 28.50 -14.74
C LEU C 118 22.55 28.45 -15.44
N GLY C 119 22.54 28.51 -16.77
CA GLY C 119 23.77 28.46 -17.56
C GLY C 119 24.41 27.08 -17.58
N ILE C 120 23.57 26.05 -17.69
CA ILE C 120 24.03 24.67 -17.76
C ILE C 120 23.53 24.04 -19.06
N GLU C 121 24.45 23.40 -19.78
CA GLU C 121 24.11 22.70 -21.03
CA GLU C 121 24.11 22.70 -21.03
C GLU C 121 23.16 21.55 -20.76
N LEU C 122 22.25 21.30 -21.71
CA LEU C 122 21.31 20.17 -21.61
C LEU C 122 22.03 18.83 -21.42
N SER C 123 23.22 18.72 -21.99
CA SER C 123 24.05 17.52 -21.87
C SER C 123 24.53 17.27 -20.45
N HIS C 124 24.50 18.32 -19.62
CA HIS C 124 24.88 18.24 -18.21
C HIS C 124 23.64 18.17 -17.31
N CYS C 125 22.48 17.87 -17.90
CA CYS C 125 21.24 17.71 -17.15
C CYS C 125 20.80 16.25 -17.12
N ALA C 126 20.35 15.80 -15.94
CA ALA C 126 19.70 14.51 -15.82
C ALA C 126 18.22 14.73 -15.57
N TYR C 127 17.39 13.89 -16.18
CA TYR C 127 15.95 13.94 -15.94
C TYR C 127 15.37 12.55 -15.78
N ILE C 128 14.59 12.38 -14.71
CA ILE C 128 13.92 11.11 -14.44
C ILE C 128 12.39 11.29 -14.53
N GLY C 129 11.76 10.45 -15.33
CA GLY C 129 10.31 10.52 -15.55
C GLY C 129 9.68 9.15 -15.75
N ASP C 130 8.36 9.09 -15.68
CA ASP C 130 7.66 7.80 -15.74
C ASP C 130 6.60 7.68 -16.83
N ASP C 131 6.01 8.79 -17.26
CA ASP C 131 4.92 8.73 -18.23
C ASP C 131 5.21 9.57 -19.47
N LEU C 132 4.25 9.58 -20.39
CA LEU C 132 4.42 10.23 -21.69
C LEU C 132 4.83 11.71 -21.66
N PRO C 133 4.27 12.51 -20.72
CA PRO C 133 4.72 13.91 -20.64
C PRO C 133 6.22 14.06 -20.38
N ASP C 134 6.85 13.04 -19.81
CA ASP C 134 8.29 13.06 -19.51
C ASP C 134 9.17 12.59 -20.66
N LEU C 135 8.55 12.03 -21.71
CA LEU C 135 9.28 11.35 -22.79
C LEU C 135 10.40 12.19 -23.41
N LYS C 136 10.06 13.38 -23.89
CA LYS C 136 11.02 14.24 -24.59
C LYS C 136 12.16 14.68 -23.68
N ALA C 137 11.84 15.00 -22.42
CA ALA C 137 12.87 15.39 -21.45
C ALA C 137 13.83 14.25 -21.15
N VAL C 138 13.30 13.04 -20.97
CA VAL C 138 14.13 11.85 -20.77
C VAL C 138 15.01 11.59 -22.00
N ARG C 139 14.41 11.71 -23.18
CA ARG C 139 15.11 11.46 -24.44
C ARG C 139 16.23 12.47 -24.71
N GLU C 140 15.98 13.73 -24.39
CA GLU C 140 16.88 14.82 -24.79
C GLU C 140 17.91 15.25 -23.74
N ALA C 141 17.66 14.93 -22.48
CA ALA C 141 18.59 15.23 -21.39
C ALA C 141 19.90 14.46 -21.60
N GLY C 142 20.99 15.00 -21.06
CA GLY C 142 22.28 14.31 -21.07
C GLY C 142 22.19 12.93 -20.47
N PHE C 143 21.43 12.80 -19.39
CA PHE C 143 21.21 11.52 -18.74
C PHE C 143 19.71 11.38 -18.44
N GLY C 144 19.04 10.51 -19.20
CA GLY C 144 17.62 10.28 -19.05
C GLY C 144 17.32 8.97 -18.35
N ILE C 145 16.46 9.03 -17.33
CA ILE C 145 16.17 7.87 -16.49
C ILE C 145 14.67 7.60 -16.43
N SER C 146 14.29 6.33 -16.44
CA SER C 146 12.91 5.95 -16.11
C SER C 146 12.86 4.82 -15.08
N VAL C 147 11.66 4.30 -14.84
CA VAL C 147 11.40 3.34 -13.76
C VAL C 147 10.62 2.14 -14.28
N PRO C 148 10.66 1.00 -13.55
CA PRO C 148 10.02 -0.23 -14.04
C PRO C 148 8.55 -0.08 -14.47
N ASN C 149 7.79 0.73 -13.74
CA ASN C 149 6.37 0.91 -14.04
C ASN C 149 6.09 2.16 -14.86
N GLY C 150 7.16 2.75 -15.40
CA GLY C 150 7.03 3.82 -16.38
C GLY C 150 6.39 3.29 -17.64
N CYS C 151 5.79 4.18 -18.42
CA CYS C 151 5.17 3.76 -19.67
C CYS C 151 6.26 3.27 -20.62
N GLU C 152 5.91 2.33 -21.49
CA GLU C 152 6.87 1.69 -22.40
C GLU C 152 7.67 2.68 -23.25
N GLN C 153 6.99 3.74 -23.69
CA GLN C 153 7.58 4.70 -24.62
C GLN C 153 8.63 5.60 -23.94
N THR C 154 8.40 5.92 -22.68
CA THR C 154 9.36 6.71 -21.90
C THR C 154 10.54 5.83 -21.47
N ARG C 155 10.27 4.58 -21.12
CA ARG C 155 11.32 3.61 -20.83
C ARG C 155 12.20 3.38 -22.06
N ALA C 156 11.59 3.36 -23.23
CA ALA C 156 12.29 3.15 -24.49
C ALA C 156 13.38 4.19 -24.79
N VAL C 157 13.15 5.43 -24.39
CA VAL C 157 14.10 6.52 -24.66
C VAL C 157 15.09 6.77 -23.51
N SER C 158 15.03 5.95 -22.47
N SER C 158 15.02 5.94 -22.48
CA SER C 158 15.87 6.14 -21.30
CA SER C 158 15.88 6.10 -21.31
C SER C 158 17.27 5.55 -21.47
C SER C 158 17.29 5.59 -21.55
N ASP C 159 18.25 6.21 -20.85
CA ASP C 159 19.62 5.72 -20.80
C ASP C 159 19.74 4.66 -19.72
N TYR C 160 18.88 4.76 -18.71
CA TYR C 160 18.89 3.90 -17.55
C TYR C 160 17.49 3.72 -17.00
N ILE C 161 17.13 2.48 -16.67
CA ILE C 161 15.89 2.19 -15.94
C ILE C 161 16.29 1.64 -14.57
N THR C 162 15.75 2.23 -13.52
CA THR C 162 16.07 1.84 -12.14
C THR C 162 15.54 0.43 -11.83
N THR C 163 16.18 -0.22 -10.86
CA THR C 163 15.73 -1.51 -10.35
C THR C 163 14.59 -1.29 -9.33
N LYS C 164 14.79 -0.32 -8.45
CA LYS C 164 13.77 0.08 -7.48
C LYS C 164 12.66 0.86 -8.16
N THR C 165 11.44 0.74 -7.64
CA THR C 165 10.28 1.40 -8.24
C THR C 165 10.07 2.80 -7.68
N GLY C 166 9.26 3.60 -8.38
CA GLY C 166 8.92 4.96 -7.96
C GLY C 166 8.27 4.95 -6.59
N GLY C 167 8.71 5.86 -5.73
CA GLY C 167 8.24 5.91 -4.34
C GLY C 167 8.78 4.80 -3.46
N ASN C 168 9.72 4.02 -4.00
CA ASN C 168 10.30 2.88 -3.28
C ASN C 168 11.81 2.83 -3.39
N GLY C 169 12.44 3.93 -3.83
CA GLY C 169 13.90 4.02 -3.84
C GLY C 169 14.52 4.23 -5.20
N ALA C 170 13.71 4.41 -6.23
CA ALA C 170 14.21 4.70 -7.57
C ALA C 170 15.10 5.95 -7.56
N VAL C 171 14.64 7.00 -6.87
CA VAL C 171 15.41 8.24 -6.75
C VAL C 171 16.72 8.03 -5.99
N ARG C 172 16.66 7.35 -4.84
CA ARG C 172 17.87 7.03 -4.08
C ARG C 172 18.88 6.28 -4.95
N GLU C 173 18.39 5.32 -5.73
CA GLU C 173 19.22 4.54 -6.64
C GLU C 173 19.97 5.41 -7.66
N VAL C 174 19.25 6.33 -8.31
CA VAL C 174 19.85 7.23 -9.30
C VAL C 174 20.87 8.16 -8.64
N CYS C 175 20.53 8.63 -7.43
CA CYS C 175 21.42 9.51 -6.68
C CYS C 175 22.77 8.83 -6.44
N GLU C 176 22.73 7.57 -6.02
CA GLU C 176 23.95 6.81 -5.76
C GLU C 176 24.75 6.54 -7.02
N LEU C 177 24.06 6.29 -8.12
CA LEU C 177 24.69 6.08 -9.43
C LEU C 177 25.48 7.34 -9.84
N ILE C 178 24.85 8.50 -9.74
CA ILE C 178 25.49 9.78 -10.10
C ILE C 178 26.69 10.08 -9.19
N LEU C 179 26.51 9.87 -7.88
CA LEU C 179 27.61 10.04 -6.93
C LEU C 179 28.81 9.16 -7.26
N LYS C 180 28.55 7.88 -7.57
CA LYS C 180 29.58 6.94 -7.97
C LYS C 180 30.30 7.42 -9.23
N ALA C 181 29.52 7.83 -10.24
CA ALA C 181 30.05 8.32 -11.50
C ALA C 181 30.98 9.52 -11.31
N GLN C 182 30.71 10.32 -10.28
CA GLN C 182 31.47 11.53 -10.02
C GLN C 182 32.48 11.37 -8.88
N ASN C 183 32.75 10.13 -8.49
CA ASN C 183 33.72 9.79 -7.44
C ASN C 183 33.41 10.43 -6.08
N ASN C 184 32.11 10.58 -5.82
CA ASN C 184 31.63 11.24 -4.60
C ASN C 184 30.86 10.30 -3.67
N PHE C 185 30.64 9.06 -4.11
CA PHE C 185 29.85 8.11 -3.33
C PHE C 185 30.52 7.65 -2.04
N ASP C 186 31.79 7.26 -2.14
CA ASP C 186 32.51 6.75 -0.96
C ASP C 186 32.69 7.80 0.13
N ALA C 187 32.86 9.06 -0.27
CA ALA C 187 32.95 10.17 0.68
C ALA C 187 31.63 10.34 1.45
N PHE C 188 30.53 10.16 0.74
CA PHE C 188 29.18 10.16 1.31
C PHE C 188 29.03 9.05 2.35
N ILE C 189 29.35 7.82 1.94
CA ILE C 189 29.30 6.66 2.84
C ILE C 189 30.23 6.81 4.05
N ALA C 190 31.44 7.31 3.81
CA ALA C 190 32.47 7.43 4.85
C ALA C 190 32.04 8.25 6.06
N THR C 191 31.18 9.24 5.84
CA THR C 191 30.71 10.12 6.92
C THR C 191 29.90 9.36 7.97
N PHE C 192 29.36 8.21 7.57
CA PHE C 192 28.51 7.40 8.44
C PHE C 192 29.23 6.16 8.96
N GLN C 193 30.53 6.08 8.70
CA GLN C 193 31.34 4.93 9.12
C GLN C 193 32.34 5.32 10.19
N HIS D 20 -8.51 -32.36 2.30
CA HIS D 20 -9.19 -32.05 3.60
C HIS D 20 -10.43 -31.18 3.39
N MET D 21 -10.77 -30.90 2.14
CA MET D 21 -11.88 -30.01 1.79
C MET D 21 -13.25 -30.59 2.16
N ASN D 22 -13.37 -31.91 2.15
CA ASN D 22 -14.59 -32.58 2.61
C ASN D 22 -14.82 -32.38 4.11
N GLU D 23 -13.73 -32.38 4.87
CA GLU D 23 -13.77 -32.10 6.31
C GLU D 23 -14.06 -30.62 6.59
N ILE D 24 -13.48 -29.75 5.76
CA ILE D 24 -13.71 -28.30 5.87
C ILE D 24 -15.18 -27.96 5.60
N TYR D 25 -15.74 -28.52 4.53
CA TYR D 25 -17.15 -28.33 4.19
C TYR D 25 -18.08 -28.84 5.30
N GLN D 26 -17.70 -29.95 5.93
CA GLN D 26 -18.44 -30.51 7.06
C GLN D 26 -18.55 -29.49 8.20
N LYS D 27 -17.43 -28.83 8.49
CA LYS D 27 -17.38 -27.83 9.55
C LYS D 27 -18.12 -26.56 9.18
N ALA D 28 -17.99 -26.14 7.92
CA ALA D 28 -18.61 -24.90 7.44
C ALA D 28 -20.13 -25.02 7.26
N LYS D 29 -20.60 -26.23 7.00
CA LYS D 29 -22.02 -26.51 6.71
C LYS D 29 -22.98 -26.08 7.81
N HIS D 30 -22.52 -26.11 9.05
CA HIS D 30 -23.40 -25.90 10.21
C HIS D 30 -23.20 -24.54 10.91
N ILE D 31 -22.43 -23.66 10.27
CA ILE D 31 -22.11 -22.35 10.85
C ILE D 31 -23.34 -21.43 10.90
N LYS D 32 -23.64 -20.94 12.09
CA LYS D 32 -24.74 -20.00 12.33
C LYS D 32 -24.23 -18.62 12.73
N LEU D 33 -23.01 -18.57 13.27
CA LEU D 33 -22.37 -17.33 13.69
C LEU D 33 -20.96 -17.27 13.10
N PHE D 34 -20.66 -16.17 12.42
CA PHE D 34 -19.34 -15.91 11.87
C PHE D 34 -18.71 -14.73 12.59
N ALA D 35 -17.67 -14.99 13.37
CA ALA D 35 -16.98 -13.96 14.15
C ALA D 35 -15.59 -13.72 13.59
N MET D 36 -15.13 -12.48 13.65
CA MET D 36 -13.88 -12.11 13.01
C MET D 36 -13.03 -11.13 13.81
N ASP D 37 -11.73 -11.35 13.77
CA ASP D 37 -10.75 -10.35 14.18
C ASP D 37 -10.79 -9.20 13.16
N VAL D 38 -10.25 -8.04 13.53
CA VAL D 38 -10.21 -6.91 12.61
C VAL D 38 -8.84 -6.75 11.96
N ASP D 39 -7.83 -6.39 12.76
CA ASP D 39 -6.52 -6.04 12.22
C ASP D 39 -5.78 -7.26 11.72
N GLY D 40 -5.50 -7.29 10.41
CA GLY D 40 -4.86 -8.44 9.79
C GLY D 40 -5.85 -9.38 9.13
N ILE D 41 -7.14 -9.16 9.37
CA ILE D 41 -8.22 -9.96 8.76
C ILE D 41 -9.09 -9.10 7.84
N LEU D 42 -9.78 -8.10 8.41
CA LEU D 42 -10.53 -7.13 7.61
C LEU D 42 -9.61 -6.06 7.02
N SER D 43 -8.46 -5.87 7.65
CA SER D 43 -7.41 -4.97 7.16
C SER D 43 -6.13 -5.77 6.93
N ASP D 44 -5.12 -5.15 6.32
CA ASP D 44 -3.83 -5.80 6.14
C ASP D 44 -2.92 -5.68 7.36
N GLY D 45 -3.45 -5.11 8.44
CA GLY D 45 -2.70 -5.01 9.70
C GLY D 45 -2.04 -3.67 9.97
N GLN D 46 -2.23 -2.70 9.08
CA GLN D 46 -1.67 -1.37 9.28
C GLN D 46 -2.43 -0.58 10.33
N ILE D 47 -1.67 0.00 11.27
CA ILE D 47 -2.18 0.93 12.25
C ILE D 47 -1.65 2.32 11.87
N ILE D 48 -2.57 3.20 11.48
CA ILE D 48 -2.21 4.46 10.83
C ILE D 48 -2.57 5.66 11.71
N TYR D 49 -1.58 6.50 12.03
CA TYR D 49 -1.78 7.70 12.82
C TYR D 49 -1.32 8.95 12.06
N ASN D 50 -1.92 10.10 12.39
CA ASN D 50 -1.43 11.35 11.83
C ASN D 50 -1.10 12.43 12.89
N SER D 51 -0.57 13.56 12.43
CA SER D 51 -0.07 14.60 13.34
C SER D 51 -1.15 15.40 14.07
N GLU D 52 -2.40 15.22 13.65
N GLU D 52 -2.41 15.21 13.66
CA GLU D 52 -3.55 15.84 14.30
CA GLU D 52 -3.54 15.84 14.32
C GLU D 52 -4.28 14.87 15.24
C GLU D 52 -4.12 14.97 15.43
N GLY D 53 -3.62 13.75 15.55
CA GLY D 53 -4.15 12.77 16.52
C GLY D 53 -5.23 11.86 15.96
N THR D 54 -5.35 11.83 14.64
CA THR D 54 -6.37 11.06 13.95
C THR D 54 -5.84 9.68 13.54
N GLU D 55 -6.65 8.64 13.77
CA GLU D 55 -6.31 7.28 13.40
C GLU D 55 -7.07 6.85 12.15
N THR D 56 -6.43 6.07 11.30
CA THR D 56 -7.02 5.60 10.05
C THR D 56 -6.97 4.08 9.96
N LYS D 57 -8.01 3.48 9.39
CA LYS D 57 -8.01 2.05 9.09
C LYS D 57 -8.64 1.80 7.72
N ALA D 58 -8.12 0.81 7.01
CA ALA D 58 -8.57 0.51 5.65
C ALA D 58 -9.17 -0.88 5.55
N PHE D 59 -10.29 -0.96 4.82
CA PHE D 59 -11.02 -2.20 4.61
C PHE D 59 -11.06 -2.52 3.12
N TYR D 60 -11.58 -3.68 2.75
CA TYR D 60 -11.61 -4.10 1.35
C TYR D 60 -13.04 -4.28 0.84
N VAL D 61 -13.34 -3.63 -0.29
CA VAL D 61 -14.71 -3.54 -0.81
C VAL D 61 -15.38 -4.90 -1.03
N GLN D 62 -14.63 -5.87 -1.56
CA GLN D 62 -15.19 -7.18 -1.89
C GLN D 62 -15.57 -7.98 -0.64
N ASP D 63 -14.88 -7.71 0.48
CA ASP D 63 -15.22 -8.32 1.77
C ASP D 63 -16.61 -7.90 2.24
N GLY D 64 -16.96 -6.64 1.99
CA GLY D 64 -18.29 -6.11 2.32
C GLY D 64 -19.42 -6.92 1.71
N LEU D 65 -19.33 -7.18 0.40
CA LEU D 65 -20.36 -7.95 -0.28
C LEU D 65 -20.43 -9.40 0.22
N GLY D 66 -19.27 -9.98 0.50
CA GLY D 66 -19.20 -11.35 1.03
C GLY D 66 -19.92 -11.48 2.36
N LEU D 67 -19.67 -10.54 3.26
CA LEU D 67 -20.30 -10.53 4.57
C LEU D 67 -21.80 -10.28 4.47
N GLN D 68 -22.19 -9.37 3.58
CA GLN D 68 -23.60 -9.11 3.30
C GLN D 68 -24.32 -10.37 2.83
N ALA D 69 -23.67 -11.12 1.94
CA ALA D 69 -24.20 -12.39 1.45
C ALA D 69 -24.39 -13.39 2.58
N LEU D 70 -23.37 -13.53 3.44
CA LEU D 70 -23.47 -14.43 4.59
C LEU D 70 -24.63 -14.04 5.50
N LYS D 71 -24.72 -12.76 5.81
CA LYS D 71 -25.78 -12.23 6.67
C LYS D 71 -27.16 -12.55 6.09
N GLN D 72 -27.32 -12.30 4.79
CA GLN D 72 -28.59 -12.52 4.11
C GLN D 72 -29.00 -14.00 4.06
N SER D 73 -28.01 -14.89 4.14
CA SER D 73 -28.27 -16.34 4.17
C SER D 73 -28.70 -16.82 5.56
N GLY D 74 -28.68 -15.92 6.54
CA GLY D 74 -29.16 -16.22 7.88
C GLY D 74 -28.07 -16.44 8.92
N ILE D 75 -26.85 -16.01 8.60
CA ILE D 75 -25.73 -16.13 9.52
C ILE D 75 -25.52 -14.81 10.26
N ILE D 76 -25.35 -14.89 11.57
CA ILE D 76 -25.10 -13.70 12.40
C ILE D 76 -23.61 -13.34 12.32
N LEU D 77 -23.32 -12.04 12.22
CA LEU D 77 -21.93 -11.56 12.10
C LEU D 77 -21.46 -10.87 13.37
N ALA D 78 -20.18 -11.10 13.71
CA ALA D 78 -19.58 -10.53 14.90
C ALA D 78 -18.13 -10.12 14.66
N ILE D 79 -17.72 -9.04 15.33
CA ILE D 79 -16.32 -8.61 15.37
C ILE D 79 -15.81 -8.76 16.80
N ILE D 80 -14.62 -9.32 16.95
CA ILE D 80 -13.96 -9.36 18.25
C ILE D 80 -12.53 -8.83 18.08
N THR D 81 -12.27 -7.64 18.61
CA THR D 81 -10.96 -6.99 18.48
C THR D 81 -10.43 -6.44 19.80
N GLY D 82 -9.12 -6.50 19.96
CA GLY D 82 -8.45 -5.99 21.16
C GLY D 82 -8.31 -4.48 21.16
N ARG D 83 -8.33 -3.89 19.96
CA ARG D 83 -8.28 -2.45 19.80
C ARG D 83 -9.71 -1.87 19.82
N SER D 84 -9.81 -0.55 19.86
CA SER D 84 -11.11 0.12 19.84
C SER D 84 -11.07 1.38 18.98
N SER D 85 -12.01 1.49 18.04
CA SER D 85 -12.07 2.65 17.15
C SER D 85 -13.45 2.87 16.53
N ALA D 86 -13.69 4.12 16.14
CA ALA D 86 -14.92 4.51 15.47
C ALA D 86 -15.03 3.93 14.06
N MET D 87 -13.87 3.71 13.41
CA MET D 87 -13.82 3.15 12.06
C MET D 87 -14.43 1.75 12.01
N VAL D 88 -14.16 0.96 13.05
CA VAL D 88 -14.70 -0.39 13.17
C VAL D 88 -16.21 -0.34 13.39
N ASP D 89 -16.66 0.56 14.27
CA ASP D 89 -18.09 0.79 14.49
C ASP D 89 -18.80 1.18 13.19
N ARG D 90 -18.18 2.08 12.43
CA ARG D 90 -18.72 2.54 11.16
C ARG D 90 -18.81 1.43 10.13
N ARG D 91 -17.72 0.70 9.93
CA ARG D 91 -17.68 -0.41 8.99
C ARG D 91 -18.70 -1.50 9.38
N ALA D 92 -18.77 -1.81 10.67
CA ALA D 92 -19.68 -2.83 11.18
C ALA D 92 -21.14 -2.48 10.96
N LYS D 93 -21.54 -1.26 11.32
CA LYS D 93 -22.92 -0.79 11.14
C LYS D 93 -23.32 -0.82 9.66
N GLU D 94 -22.39 -0.38 8.81
CA GLU D 94 -22.56 -0.36 7.36
C GLU D 94 -22.91 -1.74 6.78
N LEU D 95 -22.25 -2.77 7.30
CA LEU D 95 -22.37 -4.13 6.78
C LEU D 95 -23.37 -5.01 7.54
N GLY D 96 -23.95 -4.46 8.60
CA GLY D 96 -24.87 -5.23 9.44
C GLY D 96 -24.17 -6.26 10.31
N ILE D 97 -22.96 -5.92 10.76
CA ILE D 97 -22.28 -6.72 11.79
C ILE D 97 -22.90 -6.28 13.11
N SER D 98 -23.61 -7.21 13.75
CA SER D 98 -24.53 -6.88 14.85
C SER D 98 -23.93 -6.97 16.24
N HIS D 99 -22.78 -7.64 16.34
CA HIS D 99 -22.07 -7.77 17.61
C HIS D 99 -20.66 -7.25 17.43
N ILE D 100 -20.41 -6.08 18.02
CA ILE D 100 -19.15 -5.39 17.85
C ILE D 100 -18.45 -5.34 19.19
N ILE D 101 -17.57 -6.31 19.42
CA ILE D 101 -16.84 -6.43 20.67
C ILE D 101 -15.43 -5.88 20.49
N GLN D 102 -15.19 -4.70 21.08
CA GLN D 102 -13.89 -4.04 20.99
C GLN D 102 -13.19 -3.99 22.35
N GLY D 103 -11.89 -3.71 22.34
CA GLY D 103 -11.10 -3.69 23.58
C GLY D 103 -11.07 -5.03 24.27
N GLN D 104 -11.08 -6.10 23.48
CA GLN D 104 -11.16 -7.46 24.01
C GLN D 104 -10.16 -8.38 23.30
N ASP D 105 -9.05 -8.63 23.97
CA ASP D 105 -8.00 -9.51 23.44
C ASP D 105 -8.32 -10.99 23.65
N ASP D 106 -9.13 -11.30 24.66
CA ASP D 106 -9.50 -12.67 24.97
C ASP D 106 -10.65 -13.10 24.05
N LYS D 107 -10.27 -13.56 22.87
CA LYS D 107 -11.24 -13.84 21.81
C LYS D 107 -12.15 -15.02 22.13
N LEU D 108 -11.59 -16.05 22.77
CA LEU D 108 -12.38 -17.23 23.14
C LEU D 108 -13.46 -16.94 24.18
N THR D 109 -13.13 -16.20 25.23
CA THR D 109 -14.12 -15.82 26.26
C THR D 109 -15.26 -15.01 25.62
N ALA D 110 -14.90 -14.07 24.77
CA ALA D 110 -15.89 -13.26 24.06
C ALA D 110 -16.77 -14.13 23.16
N LEU D 111 -16.15 -15.05 22.43
CA LEU D 111 -16.89 -15.94 21.53
C LEU D 111 -17.86 -16.87 22.29
N VAL D 112 -17.37 -17.45 23.39
CA VAL D 112 -18.21 -18.28 24.26
C VAL D 112 -19.36 -17.47 24.85
N GLY D 113 -19.07 -16.24 25.25
CA GLY D 113 -20.09 -15.30 25.71
C GLY D 113 -21.19 -15.12 24.66
N LEU D 114 -20.79 -15.02 23.40
CA LEU D 114 -21.74 -14.94 22.29
C LEU D 114 -22.59 -16.20 22.10
N THR D 115 -21.95 -17.37 22.23
CA THR D 115 -22.68 -18.64 22.14
C THR D 115 -23.82 -18.71 23.16
N LYS D 116 -23.57 -18.19 24.36
CA LYS D 116 -24.54 -18.21 25.43
C LYS D 116 -25.67 -17.22 25.18
N LYS D 117 -25.32 -16.01 24.73
CA LYS D 117 -26.30 -14.97 24.45
C LYS D 117 -27.23 -15.30 23.30
N LEU D 118 -26.70 -15.97 22.28
CA LEU D 118 -27.44 -16.27 21.06
C LEU D 118 -28.07 -17.66 21.04
N GLY D 119 -27.67 -18.51 21.97
CA GLY D 119 -28.14 -19.90 22.01
C GLY D 119 -27.63 -20.70 20.82
N ILE D 120 -26.38 -20.44 20.44
CA ILE D 120 -25.72 -21.16 19.34
C ILE D 120 -24.54 -21.94 19.91
N GLU D 121 -24.49 -23.24 19.63
CA GLU D 121 -23.37 -24.08 20.06
C GLU D 121 -22.05 -23.57 19.48
N LEU D 122 -20.96 -23.75 20.23
CA LEU D 122 -19.63 -23.34 19.77
C LEU D 122 -19.25 -24.04 18.46
N SER D 123 -19.67 -25.29 18.34
CA SER D 123 -19.44 -26.08 17.13
C SER D 123 -20.12 -25.47 15.89
N HIS D 124 -21.09 -24.59 16.11
CA HIS D 124 -21.78 -23.90 15.02
C HIS D 124 -21.30 -22.45 14.86
N CYS D 125 -20.13 -22.16 15.42
CA CYS D 125 -19.50 -20.86 15.26
C CYS D 125 -18.25 -20.97 14.41
N ALA D 126 -18.04 -19.99 13.55
CA ALA D 126 -16.79 -19.83 12.83
C ALA D 126 -16.04 -18.64 13.41
N TYR D 127 -14.71 -18.75 13.46
CA TYR D 127 -13.87 -17.63 13.86
C TYR D 127 -12.63 -17.53 12.99
N ILE D 128 -12.35 -16.32 12.50
CA ILE D 128 -11.17 -16.06 11.69
C ILE D 128 -10.25 -15.06 12.41
N GLY D 129 -8.98 -15.45 12.57
CA GLY D 129 -8.00 -14.61 13.26
C GLY D 129 -6.62 -14.77 12.68
N ASP D 130 -5.71 -13.87 13.04
CA ASP D 130 -4.38 -13.85 12.44
C ASP D 130 -3.21 -13.96 13.42
N ASP D 131 -3.42 -13.61 14.68
CA ASP D 131 -2.29 -13.61 15.62
C ASP D 131 -2.59 -14.42 16.87
N LEU D 132 -1.62 -14.45 17.79
CA LEU D 132 -1.70 -15.26 19.00
C LEU D 132 -2.95 -15.07 19.86
N PRO D 133 -3.44 -13.81 20.03
CA PRO D 133 -4.67 -13.65 20.80
C PRO D 133 -5.86 -14.41 20.23
N ASP D 134 -5.84 -14.68 18.92
CA ASP D 134 -6.92 -15.39 18.23
C ASP D 134 -6.80 -16.91 18.30
N LEU D 135 -5.65 -17.41 18.75
CA LEU D 135 -5.32 -18.84 18.65
C LEU D 135 -6.39 -19.75 19.27
N LYS D 136 -6.75 -19.50 20.53
CA LYS D 136 -7.70 -20.38 21.21
C LYS D 136 -9.07 -20.36 20.54
N ALA D 137 -9.52 -19.18 20.13
CA ALA D 137 -10.81 -19.06 19.44
C ALA D 137 -10.82 -19.82 18.11
N VAL D 138 -9.74 -19.68 17.34
CA VAL D 138 -9.59 -20.42 16.08
C VAL D 138 -9.62 -21.93 16.33
N ARG D 139 -8.91 -22.36 17.37
CA ARG D 139 -8.82 -23.77 17.71
C ARG D 139 -10.15 -24.37 18.19
N GLU D 140 -10.86 -23.63 19.04
CA GLU D 140 -12.05 -24.16 19.72
C GLU D 140 -13.36 -23.96 18.94
N ALA D 141 -13.38 -23.00 18.03
CA ALA D 141 -14.57 -22.77 17.20
C ALA D 141 -14.86 -23.98 16.32
N GLY D 142 -16.13 -24.17 15.97
CA GLY D 142 -16.53 -25.25 15.06
C GLY D 142 -15.77 -25.20 13.74
N PHE D 143 -15.53 -23.98 13.26
CA PHE D 143 -14.75 -23.75 12.05
C PHE D 143 -13.79 -22.60 12.29
N GLY D 144 -12.51 -22.93 12.45
CA GLY D 144 -11.46 -21.95 12.68
C GLY D 144 -10.70 -21.64 11.40
N ILE D 145 -10.49 -20.36 11.15
CA ILE D 145 -9.86 -19.89 9.92
C ILE D 145 -8.71 -18.93 10.23
N SER D 146 -7.63 -19.05 9.46
CA SER D 146 -6.58 -18.05 9.50
C SER D 146 -6.15 -17.66 8.10
N VAL D 147 -5.08 -16.87 8.01
CA VAL D 147 -4.67 -16.25 6.75
C VAL D 147 -3.18 -16.46 6.52
N PRO D 148 -2.71 -16.31 5.26
CA PRO D 148 -1.29 -16.58 4.95
C PRO D 148 -0.29 -15.83 5.84
N ASN D 149 -0.60 -14.58 6.18
CA ASN D 149 0.30 -13.78 7.01
C ASN D 149 0.00 -13.86 8.51
N GLY D 150 -0.91 -14.77 8.87
CA GLY D 150 -1.16 -15.07 10.28
C GLY D 150 0.06 -15.73 10.90
N CYS D 151 0.19 -15.62 12.23
CA CYS D 151 1.29 -16.29 12.91
C CYS D 151 1.19 -17.81 12.71
N GLU D 152 2.33 -18.48 12.74
N GLU D 152 2.34 -18.48 12.75
CA GLU D 152 2.40 -19.92 12.49
CA GLU D 152 2.42 -19.91 12.50
C GLU D 152 1.57 -20.74 13.47
C GLU D 152 1.57 -20.73 13.48
N GLN D 153 1.51 -20.27 14.72
CA GLN D 153 0.81 -20.99 15.79
C GLN D 153 -0.70 -20.96 15.63
N THR D 154 -1.23 -19.84 15.16
CA THR D 154 -2.66 -19.72 14.87
C THR D 154 -3.02 -20.48 13.59
N ARG D 155 -2.12 -20.42 12.60
CA ARG D 155 -2.31 -21.19 11.38
C ARG D 155 -2.35 -22.69 11.66
N ALA D 156 -1.53 -23.13 12.63
CA ALA D 156 -1.41 -24.55 12.96
C ALA D 156 -2.69 -25.16 13.50
N VAL D 157 -3.50 -24.35 14.19
CA VAL D 157 -4.75 -24.83 14.80
C VAL D 157 -5.99 -24.51 13.96
N SER D 158 -5.77 -23.94 12.77
N SER D 158 -5.77 -23.94 12.76
CA SER D 158 -6.85 -23.60 11.87
CA SER D 158 -6.86 -23.56 11.87
C SER D 158 -7.38 -24.83 11.15
C SER D 158 -7.33 -24.73 11.00
N ASP D 159 -8.64 -24.76 10.74
CA ASP D 159 -9.24 -25.78 9.89
C ASP D 159 -9.06 -25.41 8.43
N TYR D 160 -8.95 -24.11 8.18
CA TYR D 160 -8.75 -23.59 6.83
C TYR D 160 -7.89 -22.34 6.88
N ILE D 161 -6.95 -22.24 5.92
N ILE D 161 -6.95 -22.26 5.93
CA ILE D 161 -6.17 -21.03 5.74
CA ILE D 161 -6.15 -21.06 5.70
C ILE D 161 -6.45 -20.48 4.36
C ILE D 161 -6.54 -20.51 4.35
N THR D 162 -6.89 -19.22 4.31
CA THR D 162 -7.29 -18.57 3.06
C THR D 162 -6.12 -18.43 2.08
N THR D 163 -6.43 -18.36 0.80
CA THR D 163 -5.45 -18.07 -0.24
C THR D 163 -5.21 -16.56 -0.31
N LYS D 164 -6.29 -15.80 -0.32
CA LYS D 164 -6.21 -14.34 -0.29
C LYS D 164 -5.78 -13.86 1.09
N THR D 165 -5.12 -12.71 1.12
CA THR D 165 -4.57 -12.16 2.37
C THR D 165 -5.54 -11.22 3.09
N GLY D 166 -5.29 -10.97 4.37
CA GLY D 166 -6.08 -10.02 5.16
C GLY D 166 -6.13 -8.65 4.52
N GLY D 167 -7.32 -8.08 4.45
CA GLY D 167 -7.55 -6.80 3.78
C GLY D 167 -7.48 -6.85 2.27
N ASN D 168 -7.38 -8.06 1.72
CA ASN D 168 -7.27 -8.25 0.28
CA ASN D 168 -7.27 -8.26 0.27
C ASN D 168 -8.18 -9.38 -0.23
N GLY D 169 -9.20 -9.71 0.55
CA GLY D 169 -10.20 -10.69 0.12
C GLY D 169 -10.24 -11.99 0.89
N ALA D 170 -9.46 -12.10 1.96
CA ALA D 170 -9.50 -13.28 2.82
C ALA D 170 -10.92 -13.53 3.34
N VAL D 171 -11.57 -12.47 3.79
CA VAL D 171 -12.93 -12.57 4.31
C VAL D 171 -13.92 -12.94 3.20
N ARG D 172 -13.82 -12.28 2.04
CA ARG D 172 -14.67 -12.62 0.90
C ARG D 172 -14.55 -14.10 0.54
N GLU D 173 -13.31 -14.59 0.52
CA GLU D 173 -13.01 -15.99 0.20
C GLU D 173 -13.72 -16.98 1.14
N VAL D 174 -13.58 -16.76 2.45
CA VAL D 174 -14.21 -17.67 3.41
C VAL D 174 -15.74 -17.54 3.41
N CYS D 175 -16.24 -16.33 3.12
CA CYS D 175 -17.68 -16.13 2.97
C CYS D 175 -18.23 -17.01 1.86
N GLU D 176 -17.53 -17.05 0.73
CA GLU D 176 -17.93 -17.88 -0.40
C GLU D 176 -17.83 -19.36 -0.06
N LEU D 177 -16.80 -19.73 0.68
CA LEU D 177 -16.60 -21.11 1.12
CA LEU D 177 -16.59 -21.10 1.14
C LEU D 177 -17.79 -21.58 1.95
N ILE D 178 -18.22 -20.76 2.91
CA ILE D 178 -19.33 -21.11 3.79
C ILE D 178 -20.64 -21.17 3.00
N LEU D 179 -20.89 -20.18 2.13
CA LEU D 179 -22.06 -20.22 1.25
C LEU D 179 -22.10 -21.52 0.43
N LYS D 180 -20.96 -21.92 -0.12
CA LYS D 180 -20.87 -23.17 -0.90
C LYS D 180 -21.19 -24.39 -0.04
N ALA D 181 -20.63 -24.43 1.16
CA ALA D 181 -20.85 -25.55 2.08
C ALA D 181 -22.31 -25.68 2.50
N GLN D 182 -23.02 -24.57 2.48
CA GLN D 182 -24.43 -24.51 2.90
C GLN D 182 -25.40 -24.47 1.71
N ASN D 183 -24.88 -24.79 0.51
CA ASN D 183 -25.67 -24.80 -0.74
C ASN D 183 -26.40 -23.50 -1.02
N ASN D 184 -25.74 -22.38 -0.76
CA ASN D 184 -26.34 -21.05 -0.96
C ASN D 184 -25.56 -20.19 -1.94
N PHE D 185 -24.39 -20.67 -2.38
CA PHE D 185 -23.50 -19.85 -3.20
C PHE D 185 -24.02 -19.59 -4.61
N ASP D 186 -24.36 -20.65 -5.34
CA ASP D 186 -24.85 -20.51 -6.70
C ASP D 186 -26.13 -19.65 -6.74
N ALA D 187 -26.99 -19.81 -5.74
CA ALA D 187 -28.21 -19.00 -5.62
C ALA D 187 -27.88 -17.51 -5.40
N PHE D 188 -26.85 -17.25 -4.60
CA PHE D 188 -26.36 -15.89 -4.35
C PHE D 188 -25.85 -15.27 -5.65
N ILE D 189 -25.01 -16.01 -6.38
CA ILE D 189 -24.51 -15.55 -7.68
C ILE D 189 -25.67 -15.27 -8.65
N ALA D 190 -26.65 -16.17 -8.66
CA ALA D 190 -27.79 -16.07 -9.56
C ALA D 190 -28.55 -14.74 -9.46
N THR D 191 -28.56 -14.14 -8.26
CA THR D 191 -29.25 -12.87 -8.03
C THR D 191 -28.64 -11.71 -8.82
N PHE D 192 -27.39 -11.90 -9.26
CA PHE D 192 -26.66 -10.88 -10.02
C PHE D 192 -26.63 -11.15 -11.53
N GLN D 193 -27.35 -12.18 -11.97
CA GLN D 193 -27.33 -12.59 -13.36
C GLN D 193 -28.68 -12.43 -14.05
MG MG E . 15.21 4.49 8.99
C1 EDO F . 11.38 -15.69 13.78
O1 EDO F . 10.41 -16.54 14.41
C2 EDO F . 12.76 -15.99 14.32
O2 EDO F . 13.18 -17.30 13.90
C1 EDO G . 8.33 12.19 11.74
O1 EDO G . 8.02 11.94 10.37
C2 EDO G . 8.57 10.85 12.42
O2 EDO G . 8.99 11.02 13.77
MG MG H . -16.08 -2.35 -7.77
C1 EDO I . 4.38 6.72 -32.67
O1 EDO I . 5.77 6.98 -32.90
C2 EDO I . 4.16 5.22 -32.59
O2 EDO I . 4.99 4.67 -31.57
MG MG J . 4.76 11.04 -13.38
C1 EDO K . 5.95 27.32 -21.11
O1 EDO K . 4.98 27.10 -20.09
C2 EDO K . 5.50 26.66 -22.40
O2 EDO K . 5.64 25.24 -22.29
MG MG L . -5.32 -9.36 14.24
C1 EDO M . -19.03 -26.02 -4.09
O1 EDO M . -20.07 -26.05 -5.08
C2 EDO M . -17.69 -26.33 -4.74
O2 EDO M . -17.12 -25.14 -5.27
C1 EDO N . -13.91 -19.19 -2.83
O1 EDO N . -14.96 -19.18 -3.81
C2 EDO N . -14.19 -20.28 -1.80
O2 EDO N . -14.28 -21.55 -2.44
#